data_6FLS
#
_entry.id   6FLS
#
_cell.length_a   107.751
_cell.length_b   108.475
_cell.length_c   112.890
_cell.angle_alpha   90.000
_cell.angle_beta   94.600
_cell.angle_gamma   90.000
#
_symmetry.space_group_name_H-M   'P 1 21 1'
#
loop_
_entity.id
_entity.type
_entity.pdbx_description
1 polymer 'Pentapeptide repeat family protein'
2 non-polymer GLYCEROL
3 water water
#
_entity_poly.entity_id   1
_entity_poly.type   'polypeptide(L)'
_entity_poly.pdbx_seq_one_letter_code
;MHHHHHHSSGVDLGTENLYFQSMSISNPRIPADLIMVDDFSSYAQGYLYEEIPITQIKIYGEHIEYFDFSKSEINTSIFE
NCTFLDCSFEGASFVDVVFQNCNLSNSNFTDAYFERCQFIACKCVGVNMIDTIFKQTSMQRSNFQYSYFDKAKMTDIAFE
DIDFTEVSITEAKLKRFKAKNSHFIKNNFFKTMLTGVDFTKNELVAPTVSSPPIEFQGAKISMVQAADLIGLWGIIVEQ
;
_entity_poly.pdbx_strand_id   A,B,D,C
#
loop_
_chem_comp.id
_chem_comp.type
_chem_comp.name
_chem_comp.formula
GOL non-polymer GLYCEROL 'C3 H8 O3'
#
# COMPACT_ATOMS: atom_id res chain seq x y z
N MET A 23 -10.11 27.06 21.52
CA MET A 23 -9.45 26.04 20.65
C MET A 23 -8.13 26.61 20.08
N SER A 24 -7.18 25.70 19.87
CA SER A 24 -5.86 25.95 19.25
C SER A 24 -5.83 25.40 17.82
N ILE A 25 -7.01 25.02 17.30
CA ILE A 25 -7.22 24.26 16.05
C ILE A 25 -7.73 25.27 15.00
N SER A 26 -7.22 25.22 13.75
CA SER A 26 -7.77 26.09 12.67
C SER A 26 -9.20 25.67 12.32
N ASN A 27 -10.12 26.62 12.29
CA ASN A 27 -11.53 26.32 12.05
C ASN A 27 -11.79 26.09 10.55
N PRO A 28 -12.88 25.38 10.24
CA PRO A 28 -13.28 25.27 8.83
C PRO A 28 -13.50 26.68 8.27
N ARG A 29 -13.06 26.89 7.04
CA ARG A 29 -13.14 28.21 6.39
C ARG A 29 -14.27 28.18 5.36
N ILE A 30 -15.46 28.64 5.77
CA ILE A 30 -16.64 28.45 4.94
C ILE A 30 -17.20 29.83 4.57
N PRO A 31 -17.53 30.01 3.29
CA PRO A 31 -18.14 31.25 2.82
C PRO A 31 -19.54 31.52 3.41
N ALA A 32 -19.99 32.77 3.28
CA ALA A 32 -21.31 33.20 3.79
C ALA A 32 -22.41 32.77 2.81
N ASP A 33 -22.07 32.67 1.53
CA ASP A 33 -23.06 32.30 0.51
C ASP A 33 -22.95 30.83 0.19
N LEU A 34 -23.89 30.02 0.67
CA LEU A 34 -23.86 28.58 0.36
C LEU A 34 -25.08 28.21 -0.48
N ILE A 35 -24.88 27.47 -1.57
CA ILE A 35 -26.00 26.97 -2.40
C ILE A 35 -26.78 25.97 -1.56
N MET A 36 -28.01 26.26 -1.13
CA MET A 36 -28.83 25.21 -0.46
C MET A 36 -29.18 24.13 -1.50
N VAL A 37 -29.17 22.84 -1.15
CA VAL A 37 -29.30 21.75 -2.13
C VAL A 37 -30.50 20.87 -1.76
N ASP A 38 -31.22 20.37 -2.77
CA ASP A 38 -32.53 19.72 -2.60
C ASP A 38 -32.41 18.27 -2.23
N ASP A 39 -31.78 17.51 -3.11
CA ASP A 39 -31.60 16.09 -2.90
C ASP A 39 -30.10 15.82 -3.20
N PHE A 40 -29.37 15.36 -2.19
CA PHE A 40 -27.92 15.20 -2.25
C PHE A 40 -27.57 13.88 -2.96
N SER A 41 -28.42 12.88 -2.75
CA SER A 41 -28.21 11.54 -3.29
C SER A 41 -27.92 11.61 -4.80
N SER A 42 -28.63 12.48 -5.51
CA SER A 42 -28.53 12.51 -6.97
C SER A 42 -27.75 13.75 -7.43
N TYR A 43 -27.67 14.81 -6.62
CA TYR A 43 -26.77 15.96 -6.92
C TYR A 43 -25.31 15.50 -7.03
N ALA A 44 -24.92 14.50 -6.24
CA ALA A 44 -23.53 14.07 -6.15
C ALA A 44 -23.19 13.18 -7.35
N GLN A 45 -24.19 12.48 -7.91
CA GLN A 45 -23.98 11.49 -8.98
C GLN A 45 -23.13 12.10 -10.10
N GLY A 46 -23.39 13.36 -10.43
CA GLY A 46 -22.67 14.05 -11.52
C GLY A 46 -21.20 14.23 -11.21
N TYR A 47 -20.92 14.71 -10.00
CA TYR A 47 -19.55 15.04 -9.63
C TYR A 47 -18.73 13.76 -9.48
N LEU A 48 -19.32 12.68 -8.95
CA LEU A 48 -18.62 11.37 -8.84
C LEU A 48 -18.16 10.91 -10.23
N TYR A 49 -19.10 10.93 -11.17
CA TYR A 49 -18.88 10.45 -12.53
C TYR A 49 -17.68 11.19 -13.13
N GLU A 50 -17.74 12.53 -13.14
CA GLU A 50 -16.78 13.36 -13.87
C GLU A 50 -15.52 13.66 -13.04
N GLU A 51 -15.46 13.17 -11.79
CA GLU A 51 -14.32 13.37 -10.86
C GLU A 51 -14.09 14.88 -10.65
N ILE A 52 -15.11 15.56 -10.12
CA ILE A 52 -15.09 16.99 -9.86
C ILE A 52 -15.37 17.24 -8.37
N PRO A 53 -14.68 18.19 -7.76
CA PRO A 53 -14.99 18.66 -6.39
C PRO A 53 -16.42 19.21 -6.22
N ILE A 54 -17.11 18.71 -5.20
CA ILE A 54 -18.37 19.25 -4.68
C ILE A 54 -18.06 20.40 -3.73
N THR A 55 -18.64 21.56 -3.99
CA THR A 55 -18.13 22.81 -3.41
C THR A 55 -19.31 23.72 -2.99
N GLN A 56 -19.16 24.34 -1.84
CA GLN A 56 -19.96 25.53 -1.47
C GLN A 56 -21.44 25.17 -1.32
N ILE A 57 -21.75 23.99 -0.79
CA ILE A 57 -23.15 23.60 -0.66
C ILE A 57 -23.54 23.47 0.82
N LYS A 58 -24.85 23.42 1.05
CA LYS A 58 -25.45 23.06 2.33
C LYS A 58 -26.50 21.95 2.14
N ILE A 59 -26.33 20.86 2.87
CA ILE A 59 -27.30 19.77 2.87
C ILE A 59 -28.12 19.89 4.16
N TYR A 60 -29.40 19.57 4.11
CA TYR A 60 -30.27 19.71 5.29
C TYR A 60 -31.37 18.64 5.28
N GLY A 61 -31.64 18.08 6.45
CA GLY A 61 -32.81 17.23 6.69
C GLY A 61 -32.86 15.95 5.86
N GLU A 62 -31.74 15.43 5.40
CA GLU A 62 -31.78 14.25 4.55
C GLU A 62 -31.86 12.98 5.41
N HIS A 63 -32.35 11.90 4.80
CA HIS A 63 -32.33 10.57 5.40
C HIS A 63 -32.01 9.53 4.33
N ILE A 64 -30.78 9.05 4.32
CA ILE A 64 -30.27 8.18 3.28
C ILE A 64 -29.67 6.94 3.95
N GLU A 65 -29.91 5.78 3.36
CA GLU A 65 -29.35 4.53 3.85
C GLU A 65 -28.68 3.76 2.70
N TYR A 66 -27.63 3.03 3.02
CA TYR A 66 -27.05 2.00 2.16
C TYR A 66 -26.60 2.57 0.82
N PHE A 67 -26.26 3.86 0.76
CA PHE A 67 -25.92 4.54 -0.50
C PHE A 67 -24.40 4.63 -0.66
N ASP A 68 -23.91 4.47 -1.88
CA ASP A 68 -22.47 4.51 -2.17
C ASP A 68 -22.05 5.95 -2.48
N PHE A 69 -21.27 6.59 -1.61
CA PHE A 69 -20.71 7.90 -1.88
C PHE A 69 -19.19 7.80 -1.90
N SER A 70 -18.64 6.60 -2.09
CA SER A 70 -17.19 6.43 -2.07
C SER A 70 -16.51 7.35 -3.10
N LYS A 71 -15.34 7.84 -2.69
CA LYS A 71 -14.42 8.66 -3.48
C LYS A 71 -14.99 10.07 -3.69
N SER A 72 -16.04 10.47 -2.97
CA SER A 72 -16.47 11.88 -3.02
C SER A 72 -15.32 12.77 -2.58
N GLU A 73 -15.17 13.89 -3.25
CA GLU A 73 -14.18 14.89 -2.90
C GLU A 73 -14.94 16.17 -2.56
N ILE A 74 -15.16 16.46 -1.28
CA ILE A 74 -16.10 17.52 -0.82
C ILE A 74 -15.31 18.61 -0.09
N ASN A 75 -15.70 19.87 -0.29
CA ASN A 75 -15.05 20.91 0.47
C ASN A 75 -15.96 22.12 0.60
N THR A 76 -15.62 22.91 1.62
CA THR A 76 -16.20 24.19 1.82
C THR A 76 -17.74 24.07 1.94
N SER A 77 -18.26 23.05 2.66
CA SER A 77 -19.71 22.77 2.76
C SER A 77 -20.14 22.42 4.21
N ILE A 78 -21.47 22.41 4.43
CA ILE A 78 -22.07 22.14 5.76
C ILE A 78 -23.15 21.05 5.66
N PHE A 79 -23.07 20.02 6.51
CA PHE A 79 -24.13 19.01 6.68
C PHE A 79 -24.91 19.30 7.97
N GLU A 80 -26.24 19.32 7.91
CA GLU A 80 -27.07 19.71 9.04
C GLU A 80 -28.31 18.83 9.11
N ASN A 81 -28.55 18.26 10.29
CA ASN A 81 -29.72 17.43 10.57
C ASN A 81 -29.86 16.33 9.52
N CYS A 82 -28.75 15.70 9.15
CA CYS A 82 -28.77 14.67 8.11
C CYS A 82 -28.55 13.29 8.73
N THR A 83 -28.99 12.26 8.01
CA THR A 83 -28.87 10.91 8.49
C THR A 83 -28.36 10.02 7.36
N PHE A 84 -27.11 9.58 7.50
CA PHE A 84 -26.49 8.66 6.57
C PHE A 84 -26.22 7.34 7.30
N LEU A 85 -27.11 6.38 7.17
CA LEU A 85 -26.91 5.09 7.82
C LEU A 85 -26.29 4.09 6.85
N ASP A 86 -25.24 3.40 7.28
CA ASP A 86 -24.69 2.28 6.51
C ASP A 86 -24.28 2.68 5.10
N CYS A 87 -23.86 3.94 4.95
CA CYS A 87 -23.41 4.47 3.68
C CYS A 87 -21.89 4.25 3.53
N SER A 88 -21.38 4.24 2.29
CA SER A 88 -19.94 4.20 2.04
C SER A 88 -19.40 5.60 1.71
N PHE A 89 -18.37 5.99 2.46
CA PHE A 89 -17.53 7.11 2.14
C PHE A 89 -16.08 6.65 1.99
N GLU A 90 -15.89 5.38 1.58
CA GLU A 90 -14.55 4.80 1.42
C GLU A 90 -13.72 5.69 0.47
N GLY A 91 -12.55 6.09 0.92
CA GLY A 91 -11.63 6.83 0.08
C GLY A 91 -12.06 8.26 -0.16
N ALA A 92 -13.00 8.82 0.61
CA ALA A 92 -13.49 10.23 0.37
C ALA A 92 -12.55 11.27 0.99
N SER A 93 -12.80 12.55 0.70
CA SER A 93 -12.08 13.64 1.38
C SER A 93 -13.06 14.77 1.72
N PHE A 94 -12.77 15.38 2.87
CA PHE A 94 -13.55 16.44 3.45
C PHE A 94 -12.56 17.50 3.94
N VAL A 95 -12.71 18.72 3.41
CA VAL A 95 -11.84 19.83 3.73
C VAL A 95 -12.71 21.09 3.95
N ASP A 96 -12.49 21.78 5.05
CA ASP A 96 -13.35 22.92 5.43
C ASP A 96 -14.83 22.45 5.43
N VAL A 97 -15.18 21.48 6.30
CA VAL A 97 -16.52 20.88 6.36
C VAL A 97 -17.01 20.80 7.81
N VAL A 98 -18.27 21.17 8.03
CA VAL A 98 -18.91 21.01 9.32
C VAL A 98 -19.98 19.91 9.21
N PHE A 99 -19.92 18.92 10.11
CA PHE A 99 -21.10 18.06 10.39
C PHE A 99 -21.76 18.51 11.70
N GLN A 100 -23.01 18.92 11.63
CA GLN A 100 -23.71 19.57 12.75
C GLN A 100 -25.03 18.83 12.95
N ASN A 101 -25.12 18.10 14.05
CA ASN A 101 -26.36 17.46 14.45
C ASN A 101 -26.76 16.39 13.41
N CYS A 102 -25.81 15.51 13.06
CA CYS A 102 -26.00 14.45 12.04
C CYS A 102 -25.91 13.05 12.69
N ASN A 103 -26.49 12.07 12.02
CA ASN A 103 -26.36 10.69 12.46
C ASN A 103 -25.64 9.91 11.35
N LEU A 104 -24.40 9.48 11.59
CA LEU A 104 -23.61 8.80 10.55
C LEU A 104 -23.45 7.31 10.88
N SER A 105 -24.28 6.79 11.78
CA SER A 105 -24.01 5.51 12.41
C SER A 105 -23.86 4.39 11.37
N ASN A 106 -22.81 3.60 11.55
CA ASN A 106 -22.48 2.38 10.78
C ASN A 106 -21.97 2.72 9.37
N SER A 107 -21.82 4.00 9.04
CA SER A 107 -21.23 4.36 7.77
C SER A 107 -19.73 4.05 7.80
N ASN A 108 -19.17 3.78 6.62
CA ASN A 108 -17.80 3.28 6.43
C ASN A 108 -16.91 4.35 5.77
N PHE A 109 -15.91 4.87 6.51
CA PHE A 109 -15.01 5.94 6.08
C PHE A 109 -13.55 5.44 5.93
N THR A 110 -13.37 4.15 5.68
CA THR A 110 -12.02 3.61 5.49
C THR A 110 -11.24 4.40 4.44
N ASP A 111 -10.01 4.82 4.73
CA ASP A 111 -9.13 5.63 3.83
C ASP A 111 -9.58 7.07 3.52
N ALA A 112 -10.50 7.58 4.34
CA ALA A 112 -10.97 8.93 4.15
C ALA A 112 -9.97 9.95 4.72
N TYR A 113 -10.13 11.20 4.28
CA TYR A 113 -9.24 12.28 4.63
C TYR A 113 -10.07 13.45 5.15
N PHE A 114 -9.57 14.09 6.22
CA PHE A 114 -10.27 15.16 6.89
C PHE A 114 -9.27 16.27 7.26
N GLU A 115 -9.60 17.50 6.90
CA GLU A 115 -8.75 18.62 7.20
C GLU A 115 -9.63 19.85 7.43
N ARG A 116 -9.36 20.54 8.54
CA ARG A 116 -10.18 21.65 9.01
C ARG A 116 -11.66 21.23 9.02
N CYS A 117 -11.97 20.08 9.62
CA CYS A 117 -13.37 19.67 9.80
C CYS A 117 -13.83 19.87 11.26
N GLN A 118 -15.14 19.95 11.44
CA GLN A 118 -15.77 19.95 12.78
C GLN A 118 -16.90 18.91 12.84
N PHE A 119 -16.92 18.07 13.88
CA PHE A 119 -18.15 17.31 14.23
C PHE A 119 -18.76 17.92 15.49
N ILE A 120 -20.06 18.22 15.42
CA ILE A 120 -20.73 18.87 16.52
C ILE A 120 -22.07 18.16 16.72
N ALA A 121 -22.26 17.58 17.91
CA ALA A 121 -23.55 17.01 18.33
C ALA A 121 -23.96 15.85 17.40
N CYS A 122 -23.04 14.94 17.11
CA CYS A 122 -23.30 13.93 16.08
C CYS A 122 -23.39 12.55 16.72
N LYS A 123 -24.17 11.69 16.08
CA LYS A 123 -24.21 10.31 16.46
C LYS A 123 -23.42 9.50 15.44
N CYS A 124 -22.29 8.95 15.89
CA CYS A 124 -21.37 8.23 15.04
C CYS A 124 -21.07 6.86 15.66
N VAL A 125 -22.12 6.10 15.97
CA VAL A 125 -21.98 4.79 16.58
C VAL A 125 -21.57 3.77 15.52
N GLY A 126 -20.53 3.00 15.81
CA GLY A 126 -20.19 1.84 14.99
C GLY A 126 -19.61 2.25 13.64
N VAL A 127 -19.07 3.45 13.64
CA VAL A 127 -18.53 4.09 12.46
C VAL A 127 -17.16 3.46 12.16
N ASN A 128 -16.80 3.32 10.90
CA ASN A 128 -15.52 2.69 10.55
C ASN A 128 -14.55 3.74 10.00
N MET A 129 -13.55 4.08 10.82
CA MET A 129 -12.59 5.13 10.50
C MET A 129 -11.18 4.55 10.37
N ILE A 130 -11.10 3.29 9.96
CA ILE A 130 -9.79 2.64 9.82
C ILE A 130 -9.00 3.24 8.65
N ASP A 131 -7.70 3.44 8.87
CA ASP A 131 -6.75 3.96 7.86
C ASP A 131 -7.06 5.39 7.42
N THR A 132 -7.65 6.17 8.32
CA THR A 132 -8.02 7.54 8.00
C THR A 132 -6.82 8.47 8.25
N ILE A 133 -6.88 9.64 7.65
CA ILE A 133 -5.99 10.74 8.00
C ILE A 133 -6.88 11.91 8.44
N PHE A 134 -6.63 12.42 9.65
CA PHE A 134 -7.28 13.64 10.18
C PHE A 134 -6.22 14.70 10.42
N LYS A 135 -6.54 15.95 10.05
CA LYS A 135 -5.71 17.11 10.36
C LYS A 135 -6.58 18.26 10.85
N GLN A 136 -6.15 18.95 11.89
CA GLN A 136 -6.78 20.21 12.34
C GLN A 136 -8.29 20.02 12.42
N THR A 137 -8.70 18.96 13.13
CA THR A 137 -10.14 18.63 13.29
C THR A 137 -10.54 18.64 14.78
N SER A 138 -11.75 19.10 15.05
CA SER A 138 -12.30 19.08 16.41
C SER A 138 -13.67 18.38 16.42
N MET A 139 -13.96 17.65 17.50
CA MET A 139 -15.31 17.07 17.71
C MET A 139 -15.83 17.43 19.12
N GLN A 140 -17.11 17.77 19.19
CA GLN A 140 -17.72 18.21 20.42
C GLN A 140 -19.09 17.54 20.62
N ARG A 141 -19.31 17.04 21.84
CA ARG A 141 -20.62 16.59 22.28
C ARG A 141 -21.19 15.60 21.27
N SER A 142 -20.40 14.58 20.96
CA SER A 142 -20.77 13.58 19.97
C SER A 142 -20.49 12.20 20.55
N ASN A 143 -21.09 11.17 19.98
CA ASN A 143 -21.06 9.81 20.53
C ASN A 143 -20.42 8.86 19.51
N PHE A 144 -19.28 8.24 19.85
CA PHE A 144 -18.55 7.41 18.87
C PHE A 144 -18.50 5.94 19.32
N GLN A 145 -19.35 5.55 20.28
CA GLN A 145 -19.32 4.18 20.83
C GLN A 145 -19.14 3.12 19.75
N TYR A 146 -18.33 2.11 20.03
CA TYR A 146 -18.16 0.88 19.22
C TYR A 146 -17.50 1.16 17.84
N SER A 147 -16.84 2.29 17.68
CA SER A 147 -16.20 2.65 16.42
C SER A 147 -14.79 2.07 16.31
N TYR A 148 -14.27 2.06 15.10
CA TYR A 148 -12.92 1.56 14.84
C TYR A 148 -12.05 2.68 14.24
N PHE A 149 -11.00 3.07 14.95
CA PHE A 149 -10.03 4.05 14.46
C PHE A 149 -8.64 3.39 14.30
N ASP A 150 -8.60 2.10 14.03
CA ASP A 150 -7.32 1.42 13.86
C ASP A 150 -6.47 1.99 12.69
N LYS A 151 -5.17 2.14 12.94
CA LYS A 151 -4.19 2.61 11.96
C LYS A 151 -4.56 4.01 11.45
N ALA A 152 -5.32 4.77 12.23
CA ALA A 152 -5.58 6.15 11.87
C ALA A 152 -4.35 7.00 12.20
N LYS A 153 -4.12 8.03 11.39
CA LYS A 153 -3.10 9.02 11.68
C LYS A 153 -3.81 10.35 11.96
N MET A 154 -3.68 10.87 13.17
CA MET A 154 -4.47 12.03 13.58
C MET A 154 -3.51 13.10 14.12
N THR A 155 -3.67 14.35 13.68
CA THR A 155 -2.72 15.42 13.99
C THR A 155 -3.45 16.75 14.21
N ASP A 156 -3.11 17.43 15.31
CA ASP A 156 -3.80 18.66 15.73
C ASP A 156 -5.31 18.41 15.88
N ILE A 157 -5.66 17.71 16.97
CA ILE A 157 -7.02 17.22 17.26
C ILE A 157 -7.43 17.70 18.64
N ALA A 158 -8.72 18.05 18.78
CA ALA A 158 -9.30 18.43 20.08
C ALA A 158 -10.67 17.76 20.24
N PHE A 159 -10.82 17.02 21.35
CA PHE A 159 -12.10 16.39 21.79
C PHE A 159 -12.67 17.21 22.95
N GLU A 160 -13.96 17.53 22.91
CA GLU A 160 -14.70 17.97 24.10
C GLU A 160 -15.98 17.15 24.27
N ASP A 161 -16.18 16.56 25.45
CA ASP A 161 -17.42 15.84 25.75
C ASP A 161 -17.70 14.78 24.72
N ILE A 162 -16.74 13.88 24.55
CA ILE A 162 -16.79 12.82 23.53
C ILE A 162 -16.93 11.46 24.23
N ASP A 163 -17.87 10.65 23.76
CA ASP A 163 -18.00 9.28 24.27
C ASP A 163 -17.17 8.38 23.36
N PHE A 164 -16.07 7.85 23.92
CA PHE A 164 -15.18 6.97 23.16
C PHE A 164 -15.19 5.56 23.78
N THR A 165 -16.33 5.20 24.37
CA THR A 165 -16.52 3.88 24.98
C THR A 165 -16.40 2.77 23.92
N GLU A 166 -15.52 1.79 24.17
CA GLU A 166 -15.32 0.57 23.37
C GLU A 166 -14.83 0.89 21.96
N VAL A 167 -14.11 1.99 21.80
CA VAL A 167 -13.53 2.30 20.52
C VAL A 167 -12.17 1.59 20.41
N SER A 168 -11.99 0.81 19.35
CA SER A 168 -10.69 0.22 19.03
C SER A 168 -9.81 1.25 18.29
N ILE A 169 -8.56 1.36 18.71
CA ILE A 169 -7.67 2.35 18.10
C ILE A 169 -6.21 1.88 18.27
N THR A 170 -5.96 0.73 17.67
CA THR A 170 -4.65 0.10 17.66
C THR A 170 -3.83 0.56 16.43
N GLU A 171 -2.52 0.64 16.62
CA GLU A 171 -1.52 0.94 15.59
C GLU A 171 -1.78 2.33 15.00
N ALA A 172 -2.26 3.22 15.83
CA ALA A 172 -2.59 4.58 15.41
C ALA A 172 -1.40 5.50 15.67
N LYS A 173 -1.40 6.69 15.07
CA LYS A 173 -0.29 7.63 15.23
C LYS A 173 -0.88 9.00 15.52
N LEU A 174 -0.69 9.46 16.75
CA LEU A 174 -1.32 10.68 17.27
C LEU A 174 -0.23 11.73 17.48
N LYS A 175 -0.52 12.99 17.10
CA LYS A 175 0.37 14.10 17.36
C LYS A 175 -0.45 15.36 17.71
N ARG A 176 -0.06 16.07 18.76
CA ARG A 176 -0.81 17.21 19.27
C ARG A 176 -2.30 16.84 19.35
N PHE A 177 -2.58 15.79 20.10
CA PHE A 177 -3.95 15.34 20.42
C PHE A 177 -4.29 15.74 21.86
N LYS A 178 -5.37 16.50 22.04
CA LYS A 178 -5.83 16.84 23.38
C LYS A 178 -7.32 16.49 23.53
N ALA A 179 -7.73 16.21 24.76
CA ALA A 179 -9.14 15.91 25.05
C ALA A 179 -9.50 16.45 26.43
N LYS A 180 -10.74 16.90 26.60
CA LYS A 180 -11.27 17.20 27.94
C LYS A 180 -12.74 16.74 28.06
N ASN A 181 -13.12 16.42 29.29
CA ASN A 181 -14.43 15.88 29.67
C ASN A 181 -14.87 14.75 28.75
N SER A 182 -13.97 13.82 28.40
CA SER A 182 -14.30 12.77 27.42
C SER A 182 -14.09 11.39 28.04
N HIS A 183 -14.73 10.37 27.49
CA HIS A 183 -14.78 9.03 28.11
C HIS A 183 -13.98 8.00 27.31
N PHE A 184 -12.79 7.70 27.82
CA PHE A 184 -11.93 6.67 27.24
C PHE A 184 -12.08 5.38 28.07
N ILE A 185 -13.12 4.61 27.78
CA ILE A 185 -13.54 3.44 28.55
C ILE A 185 -13.49 2.19 27.66
N LYS A 186 -12.75 1.15 28.07
CA LYS A 186 -12.68 -0.16 27.38
C LYS A 186 -12.04 0.01 25.99
N ASN A 187 -11.07 0.92 25.90
CA ASN A 187 -10.41 1.19 24.62
C ASN A 187 -9.31 0.15 24.40
N ASN A 188 -9.13 -0.29 23.17
CA ASN A 188 -7.90 -1.02 22.83
C ASN A 188 -6.88 -0.03 22.24
N PHE A 189 -5.80 0.20 22.97
CA PHE A 189 -4.76 1.17 22.59
C PHE A 189 -3.49 0.43 22.11
N PHE A 190 -3.58 -0.85 21.80
CA PHE A 190 -2.39 -1.67 21.45
C PHE A 190 -1.56 -1.03 20.34
N LYS A 191 -0.28 -0.86 20.60
CA LYS A 191 0.72 -0.33 19.66
C LYS A 191 0.50 1.15 19.31
N THR A 192 -0.33 1.88 20.07
CA THR A 192 -0.56 3.31 19.80
C THR A 192 0.12 4.16 20.89
N MET A 193 1.16 4.92 20.56
CA MET A 193 1.92 5.63 21.61
C MET A 193 1.15 6.89 22.06
N LEU A 194 1.09 7.12 23.38
CA LEU A 194 0.29 8.20 23.95
C LEU A 194 1.17 9.18 24.73
N THR A 195 2.49 9.16 24.50
CA THR A 195 3.39 10.20 25.05
C THR A 195 2.80 11.58 24.82
N GLY A 196 2.84 12.38 25.88
CA GLY A 196 2.42 13.74 25.83
C GLY A 196 0.91 13.92 25.90
N VAL A 197 0.09 12.86 25.94
CA VAL A 197 -1.37 13.06 26.07
C VAL A 197 -1.74 13.20 27.55
N ASP A 198 -2.54 14.22 27.87
CA ASP A 198 -3.02 14.48 29.22
C ASP A 198 -4.45 13.97 29.41
N PHE A 199 -4.59 12.92 30.25
CA PHE A 199 -5.86 12.24 30.47
C PHE A 199 -6.54 12.76 31.76
N THR A 200 -5.89 13.68 32.50
CA THR A 200 -6.35 14.04 33.86
C THR A 200 -7.77 14.61 33.87
N LYS A 201 -8.21 15.34 32.85
CA LYS A 201 -9.54 15.95 32.92
C LYS A 201 -10.55 15.14 32.09
N ASN A 202 -10.39 13.82 32.09
CA ASN A 202 -11.20 12.91 31.31
C ASN A 202 -11.45 11.64 32.11
N GLU A 203 -12.28 10.73 31.60
CA GLU A 203 -12.39 9.41 32.19
C GLU A 203 -11.47 8.44 31.42
N LEU A 204 -10.54 7.79 32.13
CA LEU A 204 -9.74 6.69 31.56
C LEU A 204 -9.99 5.41 32.37
N VAL A 205 -10.57 4.39 31.74
CA VAL A 205 -10.98 3.15 32.45
C VAL A 205 -10.69 1.94 31.57
N ALA A 206 -10.04 0.93 32.15
CA ALA A 206 -9.94 -0.43 31.54
C ALA A 206 -9.38 -0.42 30.11
N PRO A 207 -8.27 0.28 29.90
CA PRO A 207 -7.59 0.23 28.63
C PRO A 207 -6.87 -1.11 28.40
N THR A 208 -6.74 -1.53 27.15
CA THR A 208 -5.89 -2.63 26.76
C THR A 208 -4.60 -2.11 26.13
N VAL A 209 -3.46 -2.59 26.63
CA VAL A 209 -2.13 -2.11 26.24
C VAL A 209 -1.14 -3.28 26.26
N SER A 210 0.14 -3.05 26.01
CA SER A 210 1.10 -4.18 25.93
C SER A 210 1.69 -4.49 27.33
N SER A 211 2.56 -5.50 27.40
CA SER A 211 3.38 -5.79 28.59
C SER A 211 4.86 -5.86 28.19
N PRO A 212 5.69 -4.90 28.61
CA PRO A 212 5.30 -3.72 29.41
C PRO A 212 4.39 -2.73 28.67
N PRO A 213 3.75 -1.78 29.38
CA PRO A 213 2.81 -0.83 28.75
C PRO A 213 3.45 0.45 28.16
N ILE A 214 4.31 0.29 27.15
CA ILE A 214 4.96 1.44 26.43
C ILE A 214 3.92 2.46 25.96
N GLU A 215 2.73 2.04 25.57
CA GLU A 215 1.81 3.00 24.96
C GLU A 215 1.47 4.12 25.97
N PHE A 216 1.62 3.91 27.28
CA PHE A 216 1.33 4.97 28.27
C PHE A 216 2.60 5.66 28.77
N GLN A 217 3.77 5.25 28.30
CA GLN A 217 5.05 5.91 28.67
C GLN A 217 5.04 7.38 28.22
N GLY A 218 5.26 8.28 29.16
CA GLY A 218 5.25 9.72 28.83
C GLY A 218 3.86 10.34 28.86
N ALA A 219 2.81 9.55 29.04
CA ALA A 219 1.45 10.06 29.19
C ALA A 219 1.22 10.56 30.62
N LYS A 220 0.21 11.41 30.82
CA LYS A 220 -0.07 11.97 32.15
C LYS A 220 -1.49 11.59 32.59
N ILE A 221 -1.59 10.96 33.77
CA ILE A 221 -2.90 10.52 34.33
C ILE A 221 -3.05 11.09 35.75
N SER A 222 -4.25 10.95 36.30
CA SER A 222 -4.54 11.38 37.69
C SER A 222 -4.24 10.24 38.67
N MET A 223 -4.22 10.63 39.95
CA MET A 223 -4.03 9.71 41.08
C MET A 223 -5.10 8.60 41.09
N VAL A 224 -6.34 8.99 40.83
CA VAL A 224 -7.44 8.04 40.78
C VAL A 224 -7.27 7.11 39.56
N GLN A 225 -6.84 7.67 38.44
CA GLN A 225 -6.65 6.88 37.23
C GLN A 225 -5.57 5.82 37.49
N ALA A 226 -4.47 6.22 38.15
CA ALA A 226 -3.37 5.29 38.52
C ALA A 226 -3.85 4.19 39.50
N ALA A 227 -4.63 4.57 40.52
CA ALA A 227 -5.09 3.59 41.47
C ALA A 227 -6.05 2.58 40.81
N ASP A 228 -6.89 3.06 39.89
CA ASP A 228 -7.84 2.18 39.19
C ASP A 228 -7.08 1.21 38.31
N LEU A 229 -5.99 1.71 37.74
CA LEU A 229 -5.20 0.97 36.78
C LEU A 229 -4.40 -0.14 37.46
N ILE A 230 -3.74 0.23 38.57
CA ILE A 230 -3.02 -0.73 39.39
C ILE A 230 -4.02 -1.81 39.85
N GLY A 231 -5.20 -1.39 40.31
CA GLY A 231 -6.25 -2.34 40.75
C GLY A 231 -6.65 -3.33 39.68
N LEU A 232 -6.82 -2.81 38.47
CA LEU A 232 -7.02 -3.60 37.26
C LEU A 232 -6.00 -4.74 37.18
N TRP A 233 -4.71 -4.49 37.46
CA TRP A 233 -3.64 -5.51 37.23
C TRP A 233 -3.44 -6.38 38.49
N GLY A 234 -4.42 -6.34 39.41
CA GLY A 234 -4.60 -7.38 40.41
C GLY A 234 -4.11 -6.99 41.80
N ILE A 235 -3.86 -5.72 42.04
CA ILE A 235 -3.20 -5.22 43.25
C ILE A 235 -4.21 -4.45 44.10
N ILE A 236 -4.14 -4.56 45.42
CA ILE A 236 -5.16 -3.91 46.28
C ILE A 236 -4.66 -2.53 46.74
N VAL A 237 -5.54 -1.51 46.67
CA VAL A 237 -5.13 -0.14 46.99
C VAL A 237 -6.11 0.48 47.99
N GLU A 238 -5.62 1.29 48.95
CA GLU A 238 -6.48 2.03 49.90
C GLU A 238 -6.97 3.35 49.30
N MET B 23 3.81 -9.21 67.57
CA MET B 23 4.47 -10.51 67.25
C MET B 23 3.71 -11.66 67.97
N SER B 24 3.08 -12.56 67.18
CA SER B 24 2.83 -13.97 67.60
C SER B 24 3.86 -14.86 66.89
N ILE B 25 5.12 -14.57 67.23
CA ILE B 25 6.31 -15.20 66.71
C ILE B 25 7.06 -15.84 67.87
N SER B 26 7.42 -17.11 67.75
CA SER B 26 8.17 -17.80 68.79
C SER B 26 9.49 -17.07 69.11
N ASN B 27 9.69 -16.73 70.39
CA ASN B 27 10.92 -16.09 70.86
C ASN B 27 12.04 -17.13 70.98
N PRO B 28 13.26 -16.65 70.97
CA PRO B 28 14.39 -17.51 71.26
C PRO B 28 14.23 -18.13 72.65
N ARG B 29 14.60 -19.39 72.79
CA ARG B 29 14.44 -20.15 74.04
C ARG B 29 15.80 -20.39 74.69
N ILE B 30 16.25 -19.38 75.43
CA ILE B 30 17.60 -19.37 75.93
C ILE B 30 17.57 -19.44 77.45
N PRO B 31 18.21 -20.47 78.01
CA PRO B 31 18.30 -20.60 79.44
C PRO B 31 19.23 -19.56 80.11
N ALA B 32 19.11 -19.42 81.41
CA ALA B 32 19.99 -18.55 82.16
C ALA B 32 21.37 -19.21 82.35
N ASP B 33 21.44 -20.53 82.24
CA ASP B 33 22.71 -21.29 82.39
C ASP B 33 23.79 -21.03 81.26
N LEU B 34 24.33 -19.82 81.12
CA LEU B 34 25.31 -19.54 80.00
C LEU B 34 26.70 -19.28 80.59
N ILE B 35 27.73 -19.77 79.89
CA ILE B 35 29.13 -19.38 80.17
C ILE B 35 29.51 -18.25 79.22
N MET B 36 30.39 -17.36 79.68
CA MET B 36 30.76 -16.17 78.91
C MET B 36 32.11 -16.47 78.29
N VAL B 37 32.24 -16.43 76.95
CA VAL B 37 33.53 -16.81 76.36
C VAL B 37 34.39 -15.56 76.17
N ASP B 38 35.68 -15.77 76.40
CA ASP B 38 36.69 -14.76 76.42
C ASP B 38 37.09 -14.40 74.96
N ASP B 39 37.46 -15.43 74.20
CA ASP B 39 37.96 -15.35 72.82
C ASP B 39 37.20 -16.32 71.91
N PHE B 40 36.26 -15.77 71.13
CA PHE B 40 35.35 -16.58 70.32
C PHE B 40 36.06 -17.32 69.17
N SER B 41 37.03 -16.68 68.52
CA SER B 41 37.80 -17.30 67.42
C SER B 41 38.41 -18.64 67.88
N SER B 42 39.23 -18.63 68.95
CA SER B 42 39.84 -19.87 69.50
C SER B 42 38.75 -20.89 69.85
N TYR B 43 37.76 -20.45 70.64
CA TYR B 43 36.67 -21.33 71.14
C TYR B 43 36.02 -22.09 69.97
N ALA B 44 35.63 -21.35 68.93
CA ALA B 44 34.90 -21.91 67.80
C ALA B 44 35.72 -22.95 67.03
N GLN B 45 37.04 -22.75 66.93
CA GLN B 45 37.88 -23.64 66.13
C GLN B 45 37.85 -25.05 66.70
N GLY B 46 37.93 -25.16 68.01
CA GLY B 46 37.81 -26.45 68.67
C GLY B 46 36.53 -27.19 68.31
N TYR B 47 35.40 -26.48 68.38
CA TYR B 47 34.09 -27.09 68.16
C TYR B 47 33.93 -27.39 66.67
N LEU B 48 34.59 -26.60 65.83
CA LEU B 48 34.57 -26.82 64.38
C LEU B 48 35.41 -28.05 64.03
N TYR B 49 36.65 -28.09 64.50
CA TYR B 49 37.52 -29.23 64.25
C TYR B 49 36.82 -30.51 64.73
N GLU B 50 36.17 -30.51 65.88
CA GLU B 50 35.54 -31.73 66.40
C GLU B 50 34.12 -31.95 65.85
N GLU B 51 33.53 -31.09 65.02
CA GLU B 51 32.13 -31.26 64.53
C GLU B 51 31.13 -31.48 65.69
N ILE B 52 31.17 -30.59 66.69
CA ILE B 52 30.20 -30.59 67.82
C ILE B 52 29.55 -29.20 67.88
N PRO B 53 28.30 -29.14 68.35
CA PRO B 53 27.59 -27.87 68.36
C PRO B 53 28.02 -26.93 69.50
N ILE B 54 28.09 -25.64 69.16
CA ILE B 54 28.27 -24.58 70.13
C ILE B 54 26.91 -24.24 70.77
N THR B 55 26.90 -24.19 72.08
CA THR B 55 25.67 -24.25 72.82
C THR B 55 25.81 -23.46 74.13
N GLN B 56 24.77 -22.69 74.48
CA GLN B 56 24.66 -22.00 75.79
C GLN B 56 25.88 -21.13 76.10
N ILE B 57 26.19 -20.14 75.24
CA ILE B 57 27.27 -19.18 75.56
C ILE B 57 26.79 -17.74 75.34
N LYS B 58 27.50 -16.78 75.97
CA LYS B 58 27.37 -15.35 75.71
C LYS B 58 28.71 -14.82 75.20
N ILE B 59 28.69 -14.23 74.00
CA ILE B 59 29.87 -13.61 73.39
C ILE B 59 29.68 -12.11 73.55
N TYR B 60 30.70 -11.36 74.04
CA TYR B 60 30.57 -9.89 74.22
C TYR B 60 31.82 -9.17 73.71
N GLY B 61 31.58 -8.07 72.98
CA GLY B 61 32.59 -7.07 72.62
C GLY B 61 33.69 -7.55 71.69
N GLU B 62 33.46 -8.56 70.84
CA GLU B 62 34.48 -9.03 69.88
C GLU B 62 34.61 -8.04 68.72
N HIS B 63 35.78 -8.12 68.07
CA HIS B 63 36.06 -7.48 66.79
C HIS B 63 36.90 -8.44 65.94
N ILE B 64 36.28 -9.04 64.92
CA ILE B 64 36.93 -10.06 64.11
C ILE B 64 36.72 -9.72 62.63
N GLU B 65 37.79 -9.89 61.82
CA GLU B 65 37.78 -9.62 60.38
C GLU B 65 38.34 -10.79 59.57
N TYR B 66 37.72 -11.09 58.44
CA TYR B 66 38.20 -12.07 57.42
C TYR B 66 38.40 -13.47 58.02
N PHE B 67 37.50 -13.92 58.89
CA PHE B 67 37.66 -15.21 59.53
C PHE B 67 36.65 -16.22 58.96
N ASP B 68 37.06 -17.49 58.90
CA ASP B 68 36.21 -18.55 58.36
C ASP B 68 35.45 -19.30 59.48
N PHE B 69 34.15 -19.03 59.63
CA PHE B 69 33.31 -19.77 60.58
C PHE B 69 32.30 -20.63 59.80
N SER B 70 32.63 -21.02 58.58
CA SER B 70 31.69 -21.75 57.74
C SER B 70 31.36 -23.09 58.38
N LYS B 71 30.14 -23.56 58.13
CA LYS B 71 29.60 -24.82 58.65
C LYS B 71 29.52 -24.83 60.19
N SER B 72 29.54 -23.67 60.82
CA SER B 72 29.32 -23.55 62.27
C SER B 72 27.89 -23.98 62.60
N GLU B 73 27.72 -24.48 63.81
CA GLU B 73 26.43 -24.92 64.32
C GLU B 73 26.26 -24.31 65.73
N ILE B 74 25.30 -23.42 65.90
CA ILE B 74 25.24 -22.59 67.11
C ILE B 74 23.81 -22.55 67.63
N ASN B 75 23.62 -22.80 68.91
CA ASN B 75 22.28 -22.54 69.49
C ASN B 75 22.36 -22.10 70.95
N THR B 76 21.18 -21.65 71.40
CA THR B 76 20.90 -21.21 72.76
C THR B 76 22.01 -20.24 73.20
N SER B 77 22.25 -19.22 72.39
CA SER B 77 23.42 -18.36 72.59
C SER B 77 23.07 -16.90 72.28
N ILE B 78 23.92 -15.98 72.77
CA ILE B 78 23.70 -14.54 72.61
C ILE B 78 25.01 -13.85 72.20
N PHE B 79 24.93 -13.11 71.09
CA PHE B 79 26.00 -12.22 70.63
C PHE B 79 25.62 -10.80 71.04
N GLU B 80 26.45 -10.17 71.83
CA GLU B 80 26.16 -8.84 72.30
C GLU B 80 27.36 -7.95 71.95
N ASN B 81 27.10 -6.88 71.23
CA ASN B 81 28.09 -5.87 71.06
C ASN B 81 29.30 -6.42 70.32
N CYS B 82 29.05 -7.28 69.35
CA CYS B 82 30.10 -7.93 68.60
C CYS B 82 30.15 -7.37 67.18
N THR B 83 31.35 -7.44 66.59
CA THR B 83 31.63 -6.98 65.24
C THR B 83 32.31 -8.09 64.44
N PHE B 84 31.66 -8.56 63.40
CA PHE B 84 32.22 -9.59 62.51
C PHE B 84 32.22 -9.04 61.08
N LEU B 85 33.36 -8.56 60.62
CA LEU B 85 33.41 -7.91 59.31
C LEU B 85 33.99 -8.88 58.29
N ASP B 86 33.29 -9.00 57.15
CA ASP B 86 33.76 -9.85 56.03
C ASP B 86 34.12 -11.24 56.50
N CYS B 87 33.36 -11.81 57.42
CA CYS B 87 33.60 -13.19 57.87
C CYS B 87 32.72 -14.14 57.04
N SER B 88 33.06 -15.44 56.99
CA SER B 88 32.19 -16.42 56.37
C SER B 88 31.40 -17.20 57.45
N PHE B 89 30.07 -17.18 57.33
CA PHE B 89 29.21 -18.15 58.00
C PHE B 89 28.49 -18.98 56.93
N GLU B 90 29.20 -19.30 55.86
CA GLU B 90 28.60 -20.02 54.75
C GLU B 90 28.14 -21.39 55.28
N GLY B 91 26.89 -21.75 55.01
CA GLY B 91 26.35 -23.03 55.42
C GLY B 91 26.22 -23.20 56.93
N ALA B 92 26.16 -22.11 57.69
CA ALA B 92 26.05 -22.19 59.14
C ALA B 92 24.60 -22.42 59.57
N SER B 93 24.44 -22.56 60.88
CA SER B 93 23.16 -22.88 61.47
C SER B 93 22.99 -22.12 62.80
N PHE B 94 21.86 -21.45 62.98
CA PHE B 94 21.63 -20.65 64.18
C PHE B 94 20.21 -20.90 64.70
N VAL B 95 20.10 -21.47 65.91
CA VAL B 95 18.78 -21.79 66.46
C VAL B 95 18.69 -21.27 67.89
N ASP B 96 17.63 -20.52 68.21
CA ASP B 96 17.52 -19.91 69.54
C ASP B 96 18.76 -19.01 69.78
N VAL B 97 18.95 -18.02 68.92
CA VAL B 97 20.09 -17.12 69.01
C VAL B 97 19.63 -15.67 68.93
N VAL B 98 20.32 -14.81 69.66
CA VAL B 98 20.04 -13.38 69.67
C VAL B 98 21.30 -12.64 69.24
N PHE B 99 21.14 -11.76 68.24
CA PHE B 99 22.17 -10.77 67.89
C PHE B 99 21.69 -9.39 68.36
N GLN B 100 22.45 -8.74 69.24
CA GLN B 100 22.06 -7.45 69.80
C GLN B 100 23.25 -6.47 69.72
N ASN B 101 23.04 -5.31 69.06
CA ASN B 101 24.09 -4.27 68.85
C ASN B 101 25.31 -4.85 68.13
N CYS B 102 25.06 -5.74 67.19
CA CYS B 102 26.15 -6.33 66.44
C CYS B 102 26.34 -5.60 65.11
N ASN B 103 27.54 -5.75 64.57
CA ASN B 103 27.90 -5.30 63.25
C ASN B 103 28.45 -6.48 62.45
N LEU B 104 27.64 -6.99 61.53
CA LEU B 104 27.99 -8.18 60.72
C LEU B 104 28.29 -7.78 59.26
N SER B 105 28.54 -6.49 59.03
CA SER B 105 28.62 -5.86 57.69
C SER B 105 29.52 -6.67 56.74
N ASN B 106 29.00 -6.95 55.54
CA ASN B 106 29.73 -7.64 54.45
C ASN B 106 30.12 -9.07 54.80
N SER B 107 29.46 -9.70 55.75
CA SER B 107 29.76 -11.08 56.06
C SER B 107 28.88 -11.96 55.17
N ASN B 108 29.32 -13.20 54.94
CA ASN B 108 28.68 -14.10 53.96
C ASN B 108 27.94 -15.25 54.68
N PHE B 109 26.60 -15.19 54.70
CA PHE B 109 25.74 -16.20 55.34
C PHE B 109 25.07 -17.06 54.29
N THR B 110 25.69 -17.22 53.13
CA THR B 110 25.03 -17.91 52.03
C THR B 110 24.76 -19.38 52.44
N ASP B 111 23.54 -19.81 52.19
CA ASP B 111 23.09 -21.16 52.54
C ASP B 111 22.95 -21.45 54.05
N ALA B 112 22.85 -20.40 54.86
CA ALA B 112 22.69 -20.56 56.28
C ALA B 112 21.21 -20.78 56.64
N TYR B 113 21.02 -21.17 57.91
CA TYR B 113 19.72 -21.55 58.49
C TYR B 113 19.50 -20.80 59.81
N PHE B 114 18.32 -20.18 59.96
CA PHE B 114 17.95 -19.40 61.15
C PHE B 114 16.55 -19.79 61.65
N GLU B 115 16.44 -20.15 62.93
CA GLU B 115 15.16 -20.56 63.53
C GLU B 115 15.11 -19.99 64.96
N ARG B 116 14.00 -19.32 65.26
CA ARG B 116 13.78 -18.66 66.55
C ARG B 116 14.99 -17.76 66.88
N CYS B 117 15.34 -16.88 65.93
CA CYS B 117 16.41 -15.87 66.14
C CYS B 117 15.82 -14.47 66.25
N GLN B 118 16.66 -13.54 66.69
CA GLN B 118 16.35 -12.09 66.78
C GLN B 118 17.59 -11.25 66.36
N PHE B 119 17.34 -10.28 65.50
CA PHE B 119 18.30 -9.24 65.23
C PHE B 119 17.78 -7.95 65.86
N ILE B 120 18.57 -7.32 66.72
CA ILE B 120 18.12 -6.14 67.44
C ILE B 120 19.21 -5.08 67.38
N ALA B 121 18.90 -3.97 66.70
CA ALA B 121 19.81 -2.83 66.55
C ALA B 121 21.15 -3.25 65.91
N CYS B 122 21.08 -4.03 64.84
CA CYS B 122 22.29 -4.51 64.18
C CYS B 122 22.58 -3.71 62.90
N LYS B 123 23.85 -3.63 62.59
CA LYS B 123 24.32 -3.09 61.36
C LYS B 123 24.76 -4.26 60.47
N CYS B 124 23.98 -4.51 59.44
CA CYS B 124 24.21 -5.64 58.54
C CYS B 124 24.29 -5.13 57.09
N VAL B 125 25.23 -4.21 56.87
CA VAL B 125 25.33 -3.59 55.58
C VAL B 125 26.09 -4.53 54.62
N GLY B 126 25.41 -4.86 53.53
CA GLY B 126 25.98 -5.64 52.47
C GLY B 126 26.16 -7.11 52.83
N VAL B 127 25.29 -7.69 53.66
CA VAL B 127 25.46 -9.10 54.04
C VAL B 127 24.89 -9.98 52.92
N ASN B 128 25.49 -11.15 52.69
CA ASN B 128 25.02 -12.08 51.67
C ASN B 128 24.11 -13.12 52.34
N MET B 129 22.79 -12.94 52.19
CA MET B 129 21.83 -13.91 52.70
C MET B 129 21.19 -14.70 51.54
N ILE B 130 21.94 -14.92 50.45
CA ILE B 130 21.41 -15.68 49.30
C ILE B 130 21.19 -17.15 49.69
N ASP B 131 20.04 -17.71 49.33
CA ASP B 131 19.78 -19.14 49.52
C ASP B 131 19.65 -19.55 51.00
N THR B 132 19.19 -18.64 51.83
CA THR B 132 19.03 -18.90 53.25
C THR B 132 17.64 -19.47 53.56
N ILE B 133 17.49 -19.96 54.78
CA ILE B 133 16.20 -20.32 55.32
C ILE B 133 16.03 -19.58 56.65
N PHE B 134 14.90 -18.90 56.79
CA PHE B 134 14.55 -18.22 58.03
C PHE B 134 13.21 -18.76 58.51
N LYS B 135 13.10 -19.05 59.81
CA LYS B 135 11.86 -19.47 60.45
C LYS B 135 11.72 -18.74 61.78
N GLN B 136 10.49 -18.31 62.10
CA GLN B 136 10.18 -17.72 63.40
C GLN B 136 11.29 -16.73 63.81
N THR B 137 11.54 -15.71 62.99
CA THR B 137 12.64 -14.76 63.23
C THR B 137 12.07 -13.34 63.15
N SER B 138 12.63 -12.42 63.96
CA SER B 138 12.16 -11.04 63.96
C SER B 138 13.36 -10.08 63.90
N MET B 139 13.24 -8.98 63.16
CA MET B 139 14.33 -7.98 63.05
C MET B 139 13.81 -6.63 63.54
N GLN B 140 14.56 -5.94 64.42
CA GLN B 140 14.13 -4.62 64.92
C GLN B 140 15.28 -3.62 64.85
N ARG B 141 14.97 -2.42 64.36
CA ARG B 141 15.87 -1.26 64.38
C ARG B 141 17.20 -1.62 63.70
N SER B 142 17.15 -2.32 62.61
CA SER B 142 18.39 -2.84 62.02
C SER B 142 18.53 -2.33 60.58
N ASN B 143 19.76 -2.30 60.11
CA ASN B 143 20.09 -1.66 58.84
C ASN B 143 20.69 -2.72 57.90
N PHE B 144 19.95 -3.03 56.82
CA PHE B 144 20.31 -4.14 55.91
C PHE B 144 20.66 -3.64 54.50
N GLN B 145 21.05 -2.39 54.34
CA GLN B 145 21.11 -1.86 53.00
C GLN B 145 22.29 -2.46 52.23
N TYR B 146 22.09 -2.57 50.92
CA TYR B 146 23.03 -3.13 49.93
C TYR B 146 23.18 -4.65 50.08
N SER B 147 22.27 -5.29 50.82
CA SER B 147 22.34 -6.74 51.13
C SER B 147 21.63 -7.56 50.04
N TYR B 148 21.93 -8.85 49.96
CA TYR B 148 21.32 -9.74 48.98
C TYR B 148 20.54 -10.87 49.66
N PHE B 149 19.26 -11.01 49.31
CA PHE B 149 18.35 -11.98 49.92
C PHE B 149 17.76 -12.93 48.86
N ASP B 150 18.47 -13.12 47.76
CA ASP B 150 17.90 -13.86 46.61
C ASP B 150 17.73 -15.32 46.95
N LYS B 151 16.58 -15.88 46.58
CA LYS B 151 16.26 -17.29 46.72
C LYS B 151 16.04 -17.66 48.18
N ALA B 152 15.85 -16.71 49.08
CA ALA B 152 15.65 -17.02 50.51
C ALA B 152 14.25 -17.61 50.74
N LYS B 153 14.12 -18.55 51.68
CA LYS B 153 12.82 -18.96 52.18
C LYS B 153 12.64 -18.36 53.58
N MET B 154 11.59 -17.56 53.76
CA MET B 154 11.33 -16.86 55.01
C MET B 154 9.88 -17.13 55.44
N THR B 155 9.70 -17.69 56.62
CA THR B 155 8.41 -18.08 57.11
C THR B 155 8.25 -17.67 58.58
N ASP B 156 7.10 -17.05 58.90
CA ASP B 156 6.84 -16.41 60.21
C ASP B 156 7.89 -15.38 60.54
N ILE B 157 7.81 -14.23 59.88
CA ILE B 157 8.80 -13.15 59.97
C ILE B 157 8.11 -11.85 60.35
N ALA B 158 8.81 -11.05 61.15
CA ALA B 158 8.36 -9.70 61.51
C ALA B 158 9.50 -8.68 61.35
N PHE B 159 9.27 -7.63 60.57
CA PHE B 159 10.16 -6.46 60.44
C PHE B 159 9.56 -5.26 61.19
N GLU B 160 10.40 -4.57 61.97
CA GLU B 160 10.02 -3.36 62.69
C GLU B 160 11.19 -2.37 62.58
N ASP B 161 10.96 -1.19 62.00
CA ASP B 161 12.05 -0.20 61.79
C ASP B 161 13.27 -0.75 61.06
N ILE B 162 13.04 -1.43 59.93
CA ILE B 162 14.14 -2.00 59.14
C ILE B 162 14.44 -1.12 57.92
N ASP B 163 15.72 -0.80 57.75
CA ASP B 163 16.17 -0.16 56.52
C ASP B 163 16.53 -1.25 55.49
N PHE B 164 15.69 -1.36 54.45
CA PHE B 164 15.87 -2.35 53.36
C PHE B 164 16.23 -1.63 52.04
N THR B 165 16.98 -0.53 52.14
CA THR B 165 17.33 0.26 50.96
C THR B 165 18.26 -0.55 50.04
N GLU B 166 17.89 -0.60 48.75
CA GLU B 166 18.69 -1.25 47.68
C GLU B 166 18.99 -2.71 48.01
N VAL B 167 18.03 -3.40 48.62
CA VAL B 167 18.21 -4.82 48.90
C VAL B 167 17.64 -5.62 47.72
N SER B 168 18.41 -6.58 47.23
CA SER B 168 17.94 -7.49 46.20
C SER B 168 17.23 -8.71 46.84
N ILE B 169 15.99 -8.99 46.45
CA ILE B 169 15.27 -10.13 47.00
C ILE B 169 14.43 -10.81 45.90
N THR B 170 15.13 -11.36 44.91
CA THR B 170 14.48 -12.03 43.76
C THR B 170 14.31 -13.52 44.05
N GLU B 171 13.25 -14.09 43.51
CA GLU B 171 13.04 -15.54 43.47
C GLU B 171 12.93 -16.11 44.88
N ALA B 172 12.37 -15.33 45.80
CA ALA B 172 12.29 -15.73 47.21
C ALA B 172 10.88 -16.25 47.50
N LYS B 173 10.72 -17.04 48.58
CA LYS B 173 9.41 -17.51 49.02
C LYS B 173 9.14 -16.95 50.42
N LEU B 174 8.08 -16.16 50.55
CA LEU B 174 7.73 -15.49 51.79
C LEU B 174 6.38 -16.01 52.28
N LYS B 175 6.29 -16.41 53.54
CA LYS B 175 5.03 -16.87 54.11
C LYS B 175 4.89 -16.32 55.52
N ARG B 176 3.70 -15.81 55.84
CA ARG B 176 3.43 -15.10 57.10
C ARG B 176 4.55 -14.08 57.36
N PHE B 177 4.68 -13.14 56.41
CA PHE B 177 5.64 -12.01 56.47
C PHE B 177 4.89 -10.71 56.81
N LYS B 178 5.36 -10.01 57.85
CA LYS B 178 4.74 -8.76 58.33
C LYS B 178 5.84 -7.72 58.50
N ALA B 179 5.52 -6.44 58.24
CA ALA B 179 6.47 -5.35 58.41
C ALA B 179 5.76 -4.04 58.82
N LYS B 180 6.50 -3.17 59.48
CA LYS B 180 5.95 -1.96 60.07
C LYS B 180 7.09 -0.93 60.21
N ASN B 181 6.84 0.29 59.77
CA ASN B 181 7.80 1.43 59.84
C ASN B 181 9.14 1.07 59.19
N SER B 182 9.10 0.25 58.14
CA SER B 182 10.33 -0.22 57.49
C SER B 182 10.47 0.41 56.10
N HIS B 183 11.68 0.43 55.55
CA HIS B 183 11.99 1.28 54.38
C HIS B 183 12.35 0.38 53.19
N PHE B 184 11.34 -0.04 52.44
CA PHE B 184 11.55 -0.83 51.20
C PHE B 184 11.77 0.11 49.99
N ILE B 185 13.02 0.43 49.70
CA ILE B 185 13.37 1.48 48.73
C ILE B 185 14.29 0.87 47.66
N LYS B 186 13.86 0.92 46.37
CA LYS B 186 14.69 0.51 45.26
C LYS B 186 15.02 -0.99 45.39
N ASN B 187 14.03 -1.79 45.76
CA ASN B 187 14.21 -3.22 45.87
C ASN B 187 14.01 -3.89 44.50
N ASN B 188 14.76 -4.94 44.23
CA ASN B 188 14.44 -5.85 43.13
C ASN B 188 13.60 -7.03 43.66
N PHE B 189 12.32 -7.05 43.32
CA PHE B 189 11.37 -8.06 43.82
C PHE B 189 11.07 -9.13 42.75
N PHE B 190 11.89 -9.20 41.70
CA PHE B 190 11.59 -10.02 40.50
C PHE B 190 11.29 -11.47 40.92
N LYS B 191 10.08 -11.92 40.63
CA LYS B 191 9.62 -13.32 40.82
C LYS B 191 9.37 -13.66 42.29
N THR B 192 9.29 -12.68 43.18
CA THR B 192 8.99 -12.94 44.59
C THR B 192 7.52 -12.60 44.84
N MET B 193 6.67 -13.58 45.08
CA MET B 193 5.21 -13.29 45.25
C MET B 193 4.97 -12.65 46.62
N LEU B 194 4.28 -11.51 46.64
CA LEU B 194 4.00 -10.79 47.89
C LEU B 194 2.49 -10.83 48.22
N THR B 195 1.73 -11.82 47.73
CA THR B 195 0.30 -11.91 48.11
C THR B 195 0.16 -11.86 49.62
N GLY B 196 -0.77 -11.03 50.07
CA GLY B 196 -1.12 -10.94 51.48
C GLY B 196 -0.32 -9.88 52.23
N VAL B 197 0.78 -9.40 51.66
CA VAL B 197 1.66 -8.50 52.40
C VAL B 197 1.12 -7.07 52.33
N ASP B 198 1.09 -6.40 53.47
CA ASP B 198 0.51 -5.06 53.59
C ASP B 198 1.64 -4.06 53.69
N PHE B 199 1.78 -3.16 52.71
CA PHE B 199 2.86 -2.16 52.74
C PHE B 199 2.35 -0.79 53.22
N THR B 200 1.07 -0.69 53.57
CA THR B 200 0.43 0.59 53.84
C THR B 200 1.08 1.30 55.03
N LYS B 201 1.70 0.58 55.95
CA LYS B 201 2.29 1.21 57.11
C LYS B 201 3.82 1.26 56.95
N ASN B 202 4.29 1.24 55.71
CA ASN B 202 5.73 1.22 55.44
C ASN B 202 6.01 2.23 54.33
N GLU B 203 7.28 2.46 54.05
CA GLU B 203 7.73 3.22 52.88
C GLU B 203 8.09 2.23 51.78
N LEU B 204 7.49 2.41 50.60
CA LEU B 204 7.73 1.58 49.42
C LEU B 204 7.97 2.51 48.21
N VAL B 205 9.17 2.43 47.67
CA VAL B 205 9.62 3.36 46.63
C VAL B 205 10.41 2.57 45.57
N ALA B 206 10.06 2.74 44.30
CA ALA B 206 10.90 2.31 43.17
C ALA B 206 11.12 0.78 43.15
N PRO B 207 10.05 0.01 43.39
CA PRO B 207 10.23 -1.45 43.22
C PRO B 207 10.40 -1.89 41.75
N THR B 208 11.26 -2.87 41.50
CA THR B 208 11.38 -3.51 40.19
C THR B 208 10.48 -4.76 40.14
N VAL B 209 9.60 -4.85 39.15
CA VAL B 209 8.68 -5.99 39.09
C VAL B 209 8.48 -6.43 37.64
N SER B 210 7.84 -7.56 37.44
CA SER B 210 7.59 -8.07 36.11
C SER B 210 6.44 -7.26 35.45
N SER B 211 6.19 -7.53 34.17
CA SER B 211 5.03 -7.00 33.48
C SER B 211 4.34 -8.13 32.71
N PRO B 212 3.09 -8.45 33.02
CA PRO B 212 2.34 -7.81 34.13
C PRO B 212 2.98 -8.07 35.52
N PRO B 213 2.66 -7.20 36.50
CA PRO B 213 3.30 -7.20 37.83
C PRO B 213 2.68 -8.21 38.80
N ILE B 214 2.92 -9.51 38.54
CA ILE B 214 2.43 -10.65 39.37
C ILE B 214 2.92 -10.52 40.81
N GLU B 215 4.15 -10.03 41.01
CA GLU B 215 4.73 -10.08 42.36
C GLU B 215 3.95 -9.16 43.32
N PHE B 216 3.12 -8.22 42.87
CA PHE B 216 2.25 -7.47 43.81
C PHE B 216 0.78 -7.91 43.72
N GLN B 217 0.45 -8.89 42.89
CA GLN B 217 -0.90 -9.47 42.88
C GLN B 217 -1.28 -9.86 44.31
N GLY B 218 -2.36 -9.31 44.82
CA GLY B 218 -2.88 -9.75 46.13
C GLY B 218 -2.28 -8.97 47.30
N ALA B 219 -1.21 -8.19 47.07
CA ALA B 219 -0.63 -7.30 48.07
C ALA B 219 -1.51 -6.06 48.27
N LYS B 220 -1.26 -5.33 49.37
CA LYS B 220 -2.00 -4.13 49.75
C LYS B 220 -1.01 -2.97 49.78
N ILE B 221 -1.29 -1.93 49.00
CA ILE B 221 -0.43 -0.73 48.99
C ILE B 221 -1.30 0.52 49.11
N SER B 222 -0.65 1.64 49.41
CA SER B 222 -1.32 2.94 49.55
C SER B 222 -1.52 3.58 48.17
N MET B 223 -2.33 4.63 48.15
CA MET B 223 -2.61 5.35 46.92
C MET B 223 -1.36 6.06 46.43
N VAL B 224 -0.59 6.56 47.37
CA VAL B 224 0.69 7.22 47.08
C VAL B 224 1.69 6.22 46.49
N GLN B 225 1.65 5.00 47.01
CA GLN B 225 2.57 3.93 46.67
C GLN B 225 2.26 3.40 45.26
N ALA B 226 0.98 3.41 44.90
CA ALA B 226 0.51 2.97 43.56
C ALA B 226 0.98 3.94 42.47
N ALA B 227 0.88 5.24 42.72
CA ALA B 227 1.38 6.26 41.80
C ALA B 227 2.91 6.16 41.62
N ASP B 228 3.62 5.81 42.68
CA ASP B 228 5.06 5.63 42.62
C ASP B 228 5.41 4.40 41.77
N LEU B 229 4.71 3.28 41.97
CA LEU B 229 5.03 1.97 41.34
C LEU B 229 4.94 2.06 39.80
N ILE B 230 3.93 2.79 39.37
CA ILE B 230 3.56 2.87 37.98
C ILE B 230 4.62 3.72 37.24
N GLY B 231 5.42 4.49 37.99
CA GLY B 231 6.59 5.21 37.46
C GLY B 231 7.60 4.27 36.79
N LEU B 232 7.68 3.02 37.24
CA LEU B 232 8.59 2.02 36.62
C LEU B 232 8.50 2.09 35.08
N TRP B 233 7.31 2.33 34.53
CA TRP B 233 7.09 2.15 33.10
C TRP B 233 7.07 3.50 32.38
N GLY B 234 7.27 4.58 33.15
CA GLY B 234 7.50 5.90 32.58
C GLY B 234 6.22 6.74 32.54
N ILE B 235 5.17 6.23 33.17
CA ILE B 235 3.89 6.91 33.24
C ILE B 235 3.95 8.01 34.29
N ILE B 236 3.43 9.19 33.95
CA ILE B 236 3.48 10.38 34.81
C ILE B 236 2.13 10.56 35.52
N VAL B 237 2.17 10.99 36.78
CA VAL B 237 0.95 11.11 37.61
C VAL B 237 0.92 12.48 38.30
N GLU B 238 -0.24 13.14 38.38
CA GLU B 238 -0.38 14.43 39.09
C GLU B 238 -0.56 14.20 40.60
N MET C 23 -5.56 28.03 -20.19
CA MET C 23 -5.58 27.43 -18.82
C MET C 23 -6.88 27.81 -18.08
N SER C 24 -7.88 26.92 -18.08
CA SER C 24 -8.86 26.84 -16.98
C SER C 24 -8.30 25.86 -15.93
N ILE C 25 -7.12 26.22 -15.42
CA ILE C 25 -6.41 25.51 -14.37
C ILE C 25 -6.13 26.49 -13.23
N SER C 26 -6.56 26.13 -12.01
CA SER C 26 -6.49 27.00 -10.82
C SER C 26 -5.03 27.30 -10.45
N ASN C 27 -4.69 28.58 -10.34
CA ASN C 27 -3.29 28.91 -10.02
C ASN C 27 -3.05 28.80 -8.50
N PRO C 28 -1.78 28.68 -8.14
CA PRO C 28 -1.42 28.61 -6.75
C PRO C 28 -1.93 29.88 -6.07
N ARG C 29 -2.37 29.74 -4.82
CA ARG C 29 -2.95 30.84 -4.05
C ARG C 29 -1.92 31.29 -3.00
N ILE C 30 -1.02 32.16 -3.42
CA ILE C 30 0.14 32.50 -2.61
C ILE C 30 0.04 33.98 -2.21
N PRO C 31 -0.12 34.24 -0.92
CA PRO C 31 -0.24 35.64 -0.51
C PRO C 31 1.10 36.39 -0.62
N ALA C 32 1.07 37.70 -0.41
CA ALA C 32 2.32 38.47 -0.34
C ALA C 32 3.06 38.21 0.98
N ASP C 33 2.31 37.85 2.02
CA ASP C 33 2.86 37.69 3.37
C ASP C 33 3.97 36.57 3.54
N LEU C 34 5.13 36.72 2.86
CA LEU C 34 6.14 35.61 2.86
C LEU C 34 7.41 36.00 3.60
N ILE C 35 7.88 35.08 4.45
CA ILE C 35 9.22 35.09 5.08
C ILE C 35 10.25 34.64 4.03
N MET C 36 11.43 35.27 3.94
CA MET C 36 12.48 34.69 3.09
C MET C 36 13.38 33.85 3.98
N VAL C 37 13.45 32.55 3.69
CA VAL C 37 14.31 31.63 4.38
C VAL C 37 15.64 31.58 3.65
N ASP C 38 16.73 31.49 4.41
CA ASP C 38 18.10 31.59 3.85
C ASP C 38 18.87 30.26 3.85
N ASP C 39 18.61 29.41 4.86
CA ASP C 39 19.12 28.01 4.89
C ASP C 39 17.99 26.96 5.04
N PHE C 40 17.54 26.41 3.91
CA PHE C 40 16.34 25.58 3.86
C PHE C 40 16.58 24.24 4.56
N SER C 41 17.74 23.61 4.33
CA SER C 41 18.06 22.31 4.97
C SER C 41 17.83 22.41 6.48
N SER C 42 18.32 23.50 7.08
CA SER C 42 18.29 23.56 8.51
C SER C 42 16.92 24.08 8.97
N TYR C 43 16.28 25.02 8.27
CA TYR C 43 14.89 25.45 8.58
C TYR C 43 13.94 24.25 8.62
N ALA C 44 13.98 23.42 7.60
CA ALA C 44 13.05 22.29 7.50
C ALA C 44 13.28 21.29 8.64
N GLN C 45 14.54 21.02 9.05
CA GLN C 45 14.87 19.99 10.07
C GLN C 45 13.79 19.93 11.16
N GLY C 46 13.47 21.10 11.73
CA GLY C 46 12.64 21.19 12.91
C GLY C 46 11.16 21.01 12.62
N TYR C 47 10.72 21.44 11.44
CA TYR C 47 9.35 21.19 11.00
C TYR C 47 9.18 19.68 10.74
N LEU C 48 10.17 19.03 10.13
CA LEU C 48 10.12 17.57 9.93
C LEU C 48 10.06 16.86 11.30
N TYR C 49 10.93 17.24 12.22
CA TYR C 49 10.99 16.61 13.55
C TYR C 49 9.63 16.70 14.27
N GLU C 50 9.06 17.89 14.29
CA GLU C 50 7.87 18.17 15.09
C GLU C 50 6.59 17.87 14.29
N GLU C 51 6.70 17.42 13.03
CA GLU C 51 5.57 17.12 12.14
C GLU C 51 4.63 18.32 11.97
N ILE C 52 5.19 19.48 11.59
CA ILE C 52 4.42 20.70 11.34
C ILE C 52 4.59 21.16 9.88
N PRO C 53 3.52 21.59 9.24
CA PRO C 53 3.63 22.17 7.90
C PRO C 53 4.52 23.42 7.79
N ILE C 54 5.37 23.39 6.78
CA ILE C 54 6.10 24.53 6.26
C ILE C 54 5.20 25.39 5.35
N THR C 55 5.12 26.67 5.65
CA THR C 55 4.05 27.52 5.20
C THR C 55 4.56 28.95 4.95
N GLN C 56 4.16 29.54 3.83
CA GLN C 56 4.41 30.97 3.52
C GLN C 56 5.90 31.34 3.54
N ILE C 57 6.74 30.63 2.76
CA ILE C 57 8.17 31.00 2.65
C ILE C 57 8.58 31.18 1.19
N LYS C 58 9.72 31.85 1.00
CA LYS C 58 10.40 32.02 -0.28
C LYS C 58 11.80 31.43 -0.11
N ILE C 59 12.15 30.44 -0.92
CA ILE C 59 13.50 29.86 -0.92
C ILE C 59 14.22 30.35 -2.17
N TYR C 60 15.47 30.78 -2.04
CA TYR C 60 16.22 31.34 -3.19
C TYR C 60 17.66 30.84 -3.21
N GLY C 61 18.08 30.32 -4.36
CA GLY C 61 19.50 30.02 -4.64
C GLY C 61 20.08 28.91 -3.80
N GLU C 62 19.35 27.86 -3.50
CA GLU C 62 19.95 26.78 -2.72
C GLU C 62 20.70 25.85 -3.67
N HIS C 63 21.70 25.17 -3.11
CA HIS C 63 22.35 24.04 -3.77
C HIS C 63 22.51 22.94 -2.73
N ILE C 64 21.74 21.88 -2.88
CA ILE C 64 21.67 20.80 -1.90
C ILE C 64 21.70 19.47 -2.66
N GLU C 65 22.46 18.50 -2.15
CA GLU C 65 22.51 17.17 -2.78
C GLU C 65 22.34 16.09 -1.71
N TYR C 66 21.87 14.93 -2.14
CA TYR C 66 21.82 13.71 -1.32
C TYR C 66 21.18 14.02 0.04
N PHE C 67 20.03 14.67 0.08
CA PHE C 67 19.46 15.08 1.36
C PHE C 67 18.05 14.51 1.54
N ASP C 68 17.73 14.09 2.77
CA ASP C 68 16.43 13.50 3.06
C ASP C 68 15.38 14.56 3.45
N PHE C 69 14.39 14.83 2.59
CA PHE C 69 13.25 15.71 2.93
C PHE C 69 11.94 14.91 2.88
N SER C 70 12.02 13.59 3.00
CA SER C 70 10.82 12.74 2.93
C SER C 70 9.78 13.14 3.99
N LYS C 71 8.50 13.06 3.61
CA LYS C 71 7.35 13.35 4.48
C LYS C 71 7.22 14.85 4.72
N SER C 72 7.95 15.69 3.99
CA SER C 72 7.78 17.15 4.08
C SER C 72 6.32 17.52 3.77
N GLU C 73 5.80 18.50 4.49
CA GLU C 73 4.47 19.05 4.22
C GLU C 73 4.66 20.54 3.93
N ILE C 74 4.52 20.96 2.68
CA ILE C 74 4.86 22.34 2.28
C ILE C 74 3.66 22.99 1.55
N ASN C 75 3.25 24.20 1.96
CA ASN C 75 2.28 24.92 1.12
C ASN C 75 2.56 26.42 1.09
N THR C 76 1.81 27.08 0.21
CA THR C 76 1.79 28.53 0.04
C THR C 76 3.21 29.09 -0.06
N SER C 77 4.07 28.46 -0.84
CA SER C 77 5.49 28.87 -0.87
C SER C 77 6.02 28.91 -2.30
N ILE C 78 7.19 29.52 -2.44
CA ILE C 78 7.88 29.66 -3.74
C ILE C 78 9.33 29.17 -3.63
N PHE C 79 9.71 28.24 -4.50
CA PHE C 79 11.09 27.86 -4.72
C PHE C 79 11.59 28.56 -6.00
N GLU C 80 12.64 29.36 -5.88
CA GLU C 80 13.12 30.20 -7.01
C GLU C 80 14.64 30.03 -7.12
N ASN C 81 15.10 29.52 -8.26
CA ASN C 81 16.53 29.37 -8.46
C ASN C 81 17.18 28.37 -7.50
N CYS C 82 16.59 27.21 -7.33
CA CYS C 82 17.09 26.29 -6.32
C CYS C 82 17.55 25.02 -7.02
N THR C 83 18.49 24.33 -6.39
CA THR C 83 19.04 23.10 -6.93
C THR C 83 18.99 22.01 -5.85
N PHE C 84 18.07 21.06 -6.05
CA PHE C 84 17.95 19.87 -5.23
C PHE C 84 18.30 18.65 -6.08
N LEU C 85 19.56 18.22 -5.99
CA LEU C 85 20.12 17.11 -6.79
C LEU C 85 20.12 15.83 -5.95
N ASP C 86 19.50 14.78 -6.48
CA ASP C 86 19.53 13.49 -5.80
C ASP C 86 18.98 13.51 -4.37
N CYS C 87 17.90 14.24 -4.15
CA CYS C 87 17.33 14.39 -2.79
C CYS C 87 16.07 13.53 -2.72
N SER C 88 15.62 13.19 -1.50
CA SER C 88 14.34 12.46 -1.32
C SER C 88 13.21 13.41 -0.89
N PHE C 89 12.13 13.42 -1.67
CA PHE C 89 10.86 14.02 -1.26
C PHE C 89 9.79 12.92 -1.21
N GLU C 90 10.23 11.71 -0.88
CA GLU C 90 9.33 10.57 -0.82
C GLU C 90 8.21 10.84 0.19
N GLY C 91 6.97 10.67 -0.26
CA GLY C 91 5.82 10.79 0.59
C GLY C 91 5.51 12.23 0.97
N ALA C 92 6.12 13.18 0.27
CA ALA C 92 5.94 14.58 0.59
C ALA C 92 4.64 15.12 -0.03
N SER C 93 4.33 16.37 0.33
CA SER C 93 3.07 17.01 -0.01
C SER C 93 3.33 18.47 -0.40
N PHE C 94 2.85 18.90 -1.58
CA PHE C 94 3.02 20.29 -2.06
C PHE C 94 1.66 20.86 -2.50
N VAL C 95 1.23 21.97 -1.90
CA VAL C 95 -0.05 22.58 -2.24
C VAL C 95 0.10 24.10 -2.37
N ASP C 96 -0.40 24.70 -3.44
CA ASP C 96 -0.17 26.13 -3.66
C ASP C 96 1.32 26.44 -3.64
N VAL C 97 2.07 25.79 -4.53
CA VAL C 97 3.53 25.95 -4.59
C VAL C 97 4.00 26.22 -6.02
N VAL C 98 4.98 27.09 -6.13
CA VAL C 98 5.61 27.38 -7.40
C VAL C 98 7.09 27.00 -7.31
N PHE C 99 7.54 26.18 -8.29
CA PHE C 99 8.97 26.00 -8.61
C PHE C 99 9.34 26.79 -9.88
N GLN C 100 10.27 27.76 -9.76
CA GLN C 100 10.69 28.61 -10.89
C GLN C 100 12.21 28.63 -11.03
N ASN C 101 12.69 28.22 -12.21
CA ASN C 101 14.13 28.15 -12.58
C ASN C 101 14.87 27.20 -11.64
N CYS C 102 14.23 26.11 -11.26
CA CYS C 102 14.82 25.15 -10.33
C CYS C 102 15.40 23.96 -11.11
N ASN C 103 16.35 23.27 -10.47
CA ASN C 103 16.93 22.03 -10.99
C ASN C 103 16.74 20.95 -9.92
N LEU C 104 15.84 20.02 -10.21
CA LEU C 104 15.40 18.96 -9.26
C LEU C 104 15.95 17.59 -9.69
N SER C 105 16.95 17.60 -10.58
CA SER C 105 17.37 16.42 -11.34
C SER C 105 17.71 15.26 -10.39
N ASN C 106 17.20 14.09 -10.75
CA ASN C 106 17.49 12.80 -10.11
C ASN C 106 16.85 12.70 -8.72
N SER C 107 15.96 13.60 -8.32
CA SER C 107 15.39 13.54 -6.96
C SER C 107 14.19 12.58 -6.94
N ASN C 108 13.91 12.01 -5.77
CA ASN C 108 12.88 10.97 -5.66
C ASN C 108 11.61 11.56 -5.03
N PHE C 109 10.55 11.65 -5.83
CA PHE C 109 9.23 12.11 -5.40
C PHE C 109 8.21 10.96 -5.34
N THR C 110 8.68 9.73 -5.16
CA THR C 110 7.77 8.58 -5.09
C THR C 110 6.70 8.82 -4.03
N ASP C 111 5.44 8.56 -4.37
CA ASP C 111 4.28 8.70 -3.45
C ASP C 111 3.97 10.13 -3.01
N ALA C 112 4.44 11.13 -3.74
CA ALA C 112 4.23 12.51 -3.32
C ALA C 112 2.90 13.04 -3.88
N TYR C 113 2.45 14.18 -3.34
CA TYR C 113 1.17 14.77 -3.70
C TYR C 113 1.37 16.23 -4.12
N PHE C 114 0.66 16.64 -5.18
CA PHE C 114 0.75 17.99 -5.75
C PHE C 114 -0.64 18.55 -6.04
N GLU C 115 -1.01 19.68 -5.47
CA GLU C 115 -2.31 20.32 -5.78
C GLU C 115 -2.07 21.83 -5.95
N ARG C 116 -2.61 22.39 -7.04
CA ARG C 116 -2.43 23.83 -7.38
C ARG C 116 -0.93 24.19 -7.33
N CYS C 117 -0.14 23.48 -8.13
CA CYS C 117 1.32 23.73 -8.25
C CYS C 117 1.68 24.16 -9.68
N GLN C 118 2.90 24.68 -9.82
CA GLN C 118 3.44 25.15 -11.11
C GLN C 118 4.93 24.85 -11.22
N PHE C 119 5.31 24.17 -12.30
CA PHE C 119 6.71 24.10 -12.74
C PHE C 119 6.95 25.06 -13.91
N ILE C 120 7.95 25.94 -13.76
CA ILE C 120 8.28 26.95 -14.75
C ILE C 120 9.80 26.98 -14.92
N ALA C 121 10.23 26.62 -16.14
CA ALA C 121 11.63 26.70 -16.56
C ALA C 121 12.51 25.80 -15.68
N CYS C 122 12.06 24.59 -15.43
CA CYS C 122 12.76 23.72 -14.50
C CYS C 122 13.47 22.60 -15.27
N LYS C 123 14.64 22.23 -14.76
CA LYS C 123 15.35 21.03 -15.19
C LYS C 123 14.92 19.90 -14.25
N CYS C 124 14.18 18.92 -14.80
CA CYS C 124 13.69 17.77 -14.01
C CYS C 124 14.11 16.44 -14.64
N VAL C 125 15.41 16.29 -14.81
CA VAL C 125 15.92 15.15 -15.55
C VAL C 125 16.05 13.97 -14.60
N GLY C 126 15.47 12.84 -15.02
CA GLY C 126 15.65 11.58 -14.31
C GLY C 126 14.93 11.58 -12.96
N VAL C 127 13.78 12.20 -12.97
CA VAL C 127 13.05 12.49 -11.77
C VAL C 127 12.11 11.28 -11.54
N ASN C 128 11.91 10.89 -10.28
CA ASN C 128 11.07 9.72 -10.00
C ASN C 128 9.69 10.18 -9.49
N MET C 129 8.68 10.04 -10.33
CA MET C 129 7.33 10.50 -10.00
C MET C 129 6.36 9.29 -9.99
N ILE C 130 6.88 8.12 -9.62
CA ILE C 130 6.08 6.90 -9.55
C ILE C 130 5.09 6.99 -8.38
N ASP C 131 3.84 6.56 -8.64
CA ASP C 131 2.77 6.44 -7.64
C ASP C 131 2.36 7.80 -7.08
N THR C 132 2.54 8.87 -7.86
CA THR C 132 2.26 10.22 -7.38
C THR C 132 0.79 10.59 -7.63
N ILE C 133 0.41 11.78 -7.12
CA ILE C 133 -0.90 12.36 -7.35
C ILE C 133 -0.75 13.84 -7.67
N PHE C 134 -1.33 14.25 -8.80
CA PHE C 134 -1.31 15.65 -9.28
C PHE C 134 -2.75 16.12 -9.48
N LYS C 135 -3.04 17.36 -9.08
CA LYS C 135 -4.32 17.99 -9.25
C LYS C 135 -4.09 19.45 -9.60
N GLN C 136 -4.76 19.95 -10.63
CA GLN C 136 -4.75 21.38 -10.94
C GLN C 136 -3.29 21.89 -11.03
N THR C 137 -2.49 21.25 -11.84
CA THR C 137 -1.07 21.57 -11.92
C THR C 137 -0.70 21.83 -13.39
N SER C 138 0.22 22.78 -13.60
CA SER C 138 0.67 23.15 -14.95
C SER C 138 2.20 23.21 -14.99
N MET C 139 2.78 22.72 -16.07
CA MET C 139 4.24 22.81 -16.25
C MET C 139 4.53 23.45 -17.62
N GLN C 140 5.50 24.37 -17.60
CA GLN C 140 5.84 25.22 -18.74
C GLN C 140 7.36 25.23 -18.92
N ARG C 141 7.82 25.00 -20.16
CA ARG C 141 9.20 25.26 -20.60
C ARG C 141 10.20 24.48 -19.74
N SER C 142 9.94 23.19 -19.55
CA SER C 142 10.72 22.35 -18.62
C SER C 142 11.09 21.01 -19.25
N ASN C 143 12.16 20.44 -18.72
CA ASN C 143 12.81 19.27 -19.25
C ASN C 143 12.62 18.11 -18.28
N PHE C 144 11.82 17.12 -18.67
CA PHE C 144 11.52 15.95 -17.84
C PHE C 144 12.13 14.67 -18.45
N GLN C 145 13.10 14.83 -19.33
CA GLN C 145 13.81 13.71 -19.98
C GLN C 145 14.15 12.61 -18.96
N TYR C 146 13.90 11.34 -19.34
CA TYR C 146 14.38 10.12 -18.61
C TYR C 146 13.65 9.89 -17.28
N SER C 147 12.48 10.50 -17.12
CA SER C 147 11.75 10.45 -15.86
C SER C 147 10.77 9.27 -15.84
N TYR C 148 10.26 8.98 -14.65
CA TYR C 148 9.28 7.93 -14.44
C TYR C 148 8.00 8.52 -13.82
N PHE C 149 6.88 8.31 -14.49
CA PHE C 149 5.58 8.72 -14.01
C PHE C 149 4.66 7.50 -13.93
N ASP C 150 5.23 6.33 -13.66
CA ASP C 150 4.44 5.10 -13.62
C ASP C 150 3.48 5.10 -12.45
N LYS C 151 2.26 4.61 -12.70
CA LYS C 151 1.20 4.45 -11.69
C LYS C 151 0.76 5.82 -11.14
N ALA C 152 1.13 6.90 -11.82
CA ALA C 152 0.75 8.26 -11.41
C ALA C 152 -0.74 8.52 -11.70
N LYS C 153 -1.32 9.47 -10.97
CA LYS C 153 -2.71 9.81 -11.15
C LYS C 153 -2.81 11.32 -11.31
N MET C 154 -3.25 11.78 -12.50
CA MET C 154 -3.10 13.19 -12.88
C MET C 154 -4.46 13.76 -13.34
N THR C 155 -4.96 14.77 -12.64
CA THR C 155 -6.26 15.39 -12.95
C THR C 155 -6.09 16.91 -13.06
N ASP C 156 -6.73 17.47 -14.10
CA ASP C 156 -6.63 18.91 -14.50
C ASP C 156 -5.17 19.36 -14.68
N ILE C 157 -4.57 18.96 -15.79
CA ILE C 157 -3.15 19.14 -16.09
C ILE C 157 -2.98 19.88 -17.43
N ALA C 158 -2.03 20.82 -17.47
CA ALA C 158 -1.64 21.48 -18.72
C ALA C 158 -0.11 21.45 -18.87
N PHE C 159 0.33 20.91 -20.01
CA PHE C 159 1.73 20.98 -20.48
C PHE C 159 1.85 22.06 -21.58
N GLU C 160 2.97 22.80 -21.53
CA GLU C 160 3.35 23.82 -22.53
C GLU C 160 4.88 23.80 -22.71
N ASP C 161 5.38 23.47 -23.90
CA ASP C 161 6.83 23.44 -24.20
C ASP C 161 7.58 22.50 -23.28
N ILE C 162 7.05 21.29 -23.16
CA ILE C 162 7.59 20.27 -22.24
C ILE C 162 8.35 19.19 -23.03
N ASP C 163 9.56 18.88 -22.56
CA ASP C 163 10.35 17.78 -23.14
C ASP C 163 10.09 16.47 -22.38
N PHE C 164 9.28 15.57 -22.97
CA PHE C 164 8.88 14.30 -22.34
C PHE C 164 9.61 13.10 -22.99
N THR C 165 10.84 13.32 -23.43
CA THR C 165 11.61 12.31 -24.15
C THR C 165 11.98 11.15 -23.22
N GLU C 166 11.65 9.93 -23.63
CA GLU C 166 12.02 8.67 -22.94
C GLU C 166 11.41 8.65 -21.54
N VAL C 167 10.21 9.22 -21.41
CA VAL C 167 9.56 9.20 -20.12
C VAL C 167 8.63 7.99 -20.09
N SER C 168 8.77 7.20 -19.02
CA SER C 168 7.93 6.03 -18.79
C SER C 168 6.67 6.43 -18.01
N ILE C 169 5.49 6.11 -18.55
CA ILE C 169 4.26 6.51 -17.88
C ILE C 169 3.18 5.45 -18.11
N THR C 170 3.45 4.28 -17.51
CA THR C 170 2.59 3.12 -17.63
C THR C 170 1.62 3.04 -16.45
N GLU C 171 0.46 2.45 -16.72
CA GLU C 171 -0.52 2.11 -15.71
C GLU C 171 -0.95 3.39 -14.99
N ALA C 172 -0.98 4.49 -15.73
CA ALA C 172 -1.34 5.78 -15.17
C ALA C 172 -2.81 6.08 -15.48
N LYS C 173 -3.43 6.90 -14.63
CA LYS C 173 -4.83 7.32 -14.80
C LYS C 173 -4.85 8.82 -15.05
N LEU C 174 -5.02 9.20 -16.32
CA LEU C 174 -5.06 10.59 -16.76
C LEU C 174 -6.51 11.08 -16.86
N LYS C 175 -6.75 12.36 -16.64
CA LYS C 175 -8.11 12.89 -16.70
C LYS C 175 -8.07 14.42 -16.83
N ARG C 176 -8.71 14.95 -17.89
CA ARG C 176 -8.62 16.38 -18.24
C ARG C 176 -7.14 16.78 -18.36
N PHE C 177 -6.40 15.98 -19.13
CA PHE C 177 -4.99 16.27 -19.48
C PHE C 177 -4.91 16.95 -20.85
N LYS C 178 -4.12 18.01 -20.96
CA LYS C 178 -3.95 18.68 -22.26
C LYS C 178 -2.48 19.11 -22.43
N ALA C 179 -2.01 19.17 -23.67
CA ALA C 179 -0.60 19.50 -23.94
C ALA C 179 -0.49 20.30 -25.24
N LYS C 180 0.48 21.20 -25.30
CA LYS C 180 0.82 21.86 -26.57
C LYS C 180 2.33 22.10 -26.64
N ASN C 181 2.85 22.05 -27.86
CA ASN C 181 4.25 22.32 -28.19
C ASN C 181 5.16 21.43 -27.36
N SER C 182 4.74 20.22 -27.05
CA SER C 182 5.53 19.37 -26.17
C SER C 182 6.07 18.18 -26.95
N HIS C 183 7.07 17.48 -26.41
CA HIS C 183 7.78 16.42 -27.13
C HIS C 183 7.60 15.05 -26.46
N PHE C 184 6.60 14.33 -26.98
CA PHE C 184 6.31 12.96 -26.59
C PHE C 184 7.06 11.99 -27.52
N ILE C 185 8.25 11.59 -27.10
CA ILE C 185 9.21 10.84 -27.90
C ILE C 185 9.65 9.59 -27.12
N LYS C 186 9.42 8.41 -27.68
CA LYS C 186 9.93 7.15 -27.09
C LYS C 186 9.29 6.95 -25.72
N ASN C 187 8.01 7.25 -25.60
CA ASN C 187 7.31 7.10 -24.31
C ASN C 187 6.80 5.66 -24.16
N ASN C 188 6.93 5.10 -22.97
CA ASN C 188 6.22 3.86 -22.70
C ASN C 188 4.84 4.16 -22.08
N PHE C 189 3.77 4.01 -22.88
CA PHE C 189 2.41 4.38 -22.47
C PHE C 189 1.58 3.15 -22.08
N PHE C 190 2.24 2.03 -21.78
CA PHE C 190 1.57 0.74 -21.61
C PHE C 190 0.50 0.78 -20.51
N LYS C 191 -0.74 0.44 -20.89
CA LYS C 191 -1.93 0.41 -20.04
C LYS C 191 -2.32 1.80 -19.52
N THR C 192 -2.02 2.88 -20.22
CA THR C 192 -2.44 4.21 -19.79
C THR C 192 -3.46 4.77 -20.79
N MET C 193 -4.72 4.91 -20.40
CA MET C 193 -5.74 5.30 -21.39
C MET C 193 -5.62 6.80 -21.71
N LEU C 194 -5.65 7.13 -23.01
CA LEU C 194 -5.49 8.52 -23.48
C LEU C 194 -6.77 8.96 -24.20
N THR C 195 -7.94 8.35 -23.97
CA THR C 195 -9.16 8.93 -24.54
C THR C 195 -9.15 10.43 -24.27
N GLY C 196 -9.60 11.21 -25.25
CA GLY C 196 -9.78 12.64 -25.09
C GLY C 196 -8.49 13.44 -25.29
N VAL C 197 -7.32 12.83 -25.33
CA VAL C 197 -6.10 13.63 -25.40
C VAL C 197 -5.77 13.98 -26.86
N ASP C 198 -5.61 15.27 -27.13
CA ASP C 198 -5.30 15.78 -28.46
C ASP C 198 -3.79 15.91 -28.62
N PHE C 199 -3.16 15.10 -29.47
CA PHE C 199 -1.70 15.19 -29.70
C PHE C 199 -1.34 16.05 -30.92
N THR C 200 -2.33 16.55 -31.68
CA THR C 200 -2.08 17.21 -32.99
C THR C 200 -1.15 18.42 -32.87
N LYS C 201 -1.09 19.14 -31.74
CA LYS C 201 -0.22 20.32 -31.65
C LYS C 201 1.12 19.96 -30.98
N ASN C 202 1.50 18.69 -31.02
CA ASN C 202 2.70 18.20 -30.30
C ASN C 202 3.50 17.30 -31.24
N GLU C 203 4.73 16.96 -30.83
CA GLU C 203 5.56 15.93 -31.49
C GLU C 203 5.26 14.56 -30.84
N LEU C 204 4.90 13.57 -31.65
CA LEU C 204 4.58 12.23 -31.14
C LEU C 204 5.26 11.16 -32.01
N VAL C 205 6.25 10.52 -31.43
CA VAL C 205 7.18 9.64 -32.13
C VAL C 205 7.42 8.39 -31.29
N ALA C 206 7.15 7.22 -31.87
CA ALA C 206 7.67 5.92 -31.35
C ALA C 206 7.11 5.57 -29.96
N PRO C 207 5.79 5.74 -29.76
CA PRO C 207 5.15 5.27 -28.52
C PRO C 207 5.16 3.73 -28.41
N THR C 208 5.18 3.22 -27.18
CA THR C 208 4.99 1.80 -26.88
C THR C 208 3.58 1.57 -26.34
N VAL C 209 2.77 0.80 -27.05
CA VAL C 209 1.37 0.57 -26.67
C VAL C 209 1.03 -0.92 -26.77
N SER C 210 -0.23 -1.28 -26.54
CA SER C 210 -0.68 -2.69 -26.62
C SER C 210 -1.13 -2.98 -28.05
N SER C 211 -1.29 -4.26 -28.38
CA SER C 211 -2.10 -4.62 -29.57
C SER C 211 -3.27 -5.51 -29.14
N PRO C 212 -4.50 -5.12 -29.45
CA PRO C 212 -4.79 -3.84 -30.11
C PRO C 212 -4.40 -2.64 -29.22
N PRO C 213 -4.21 -1.47 -29.87
CA PRO C 213 -3.69 -0.26 -29.23
C PRO C 213 -4.79 0.48 -28.43
N ILE C 214 -5.23 -0.19 -27.38
CA ILE C 214 -6.34 0.29 -26.55
C ILE C 214 -5.97 1.66 -25.96
N GLU C 215 -4.68 1.88 -25.73
CA GLU C 215 -4.21 3.09 -25.07
C GLU C 215 -4.59 4.34 -25.87
N PHE C 216 -4.58 4.26 -27.21
CA PHE C 216 -4.79 5.45 -28.06
C PHE C 216 -6.26 5.60 -28.46
N GLN C 217 -7.05 4.57 -28.24
CA GLN C 217 -8.47 4.60 -28.53
C GLN C 217 -9.10 5.86 -27.92
N GLY C 218 -9.64 6.75 -28.75
CA GLY C 218 -10.34 7.94 -28.26
C GLY C 218 -9.49 9.19 -28.37
N ALA C 219 -8.17 9.02 -28.57
CA ALA C 219 -7.24 10.14 -28.78
C ALA C 219 -7.41 10.75 -30.17
N LYS C 220 -6.82 11.92 -30.39
CA LYS C 220 -6.78 12.61 -31.68
C LYS C 220 -5.31 12.77 -32.10
N ILE C 221 -4.92 12.22 -33.25
CA ILE C 221 -3.56 12.46 -33.75
C ILE C 221 -3.64 13.10 -35.14
N SER C 222 -2.49 13.59 -35.60
CA SER C 222 -2.36 14.18 -36.95
C SER C 222 -2.18 13.05 -37.98
N MET C 223 -2.32 13.40 -39.26
CA MET C 223 -2.11 12.45 -40.38
C MET C 223 -0.67 11.94 -40.39
N VAL C 224 0.26 12.87 -40.19
CA VAL C 224 1.68 12.56 -40.13
C VAL C 224 1.98 11.57 -38.98
N GLN C 225 1.35 11.79 -37.85
CA GLN C 225 1.58 11.00 -36.65
C GLN C 225 1.05 9.58 -36.88
N ALA C 226 -0.11 9.47 -37.56
CA ALA C 226 -0.72 8.18 -37.93
C ALA C 226 0.17 7.41 -38.91
N ALA C 227 0.79 8.08 -39.87
CA ALA C 227 1.74 7.41 -40.78
C ALA C 227 2.96 6.86 -40.03
N ASP C 228 3.54 7.67 -39.14
CA ASP C 228 4.75 7.31 -38.38
C ASP C 228 4.42 6.22 -37.38
N LEU C 229 3.16 6.19 -36.96
CA LEU C 229 2.70 5.18 -36.01
C LEU C 229 2.48 3.84 -36.71
N ILE C 230 1.96 3.88 -37.93
CA ILE C 230 1.73 2.67 -38.73
C ILE C 230 3.10 2.11 -39.12
N GLY C 231 3.93 2.99 -39.70
CA GLY C 231 5.33 2.73 -40.17
C GLY C 231 6.22 2.10 -39.10
N LEU C 232 5.92 2.42 -37.84
CA LEU C 232 6.60 1.83 -36.70
C LEU C 232 6.34 0.31 -36.66
N TRP C 233 5.11 -0.18 -36.89
CA TRP C 233 4.83 -1.63 -36.64
C TRP C 233 4.97 -2.46 -37.92
N GLY C 234 5.83 -2.04 -38.84
CA GLY C 234 6.30 -2.91 -39.90
C GLY C 234 5.80 -2.49 -41.27
N ILE C 235 4.80 -1.61 -41.31
CA ILE C 235 4.07 -1.33 -42.54
C ILE C 235 4.71 -0.17 -43.30
N ILE C 236 5.01 -0.40 -44.56
CA ILE C 236 5.52 0.66 -45.40
C ILE C 236 4.37 1.56 -45.85
N VAL C 237 4.58 2.88 -45.84
CA VAL C 237 3.56 3.85 -46.24
C VAL C 237 4.15 4.78 -47.30
N GLU C 238 3.65 4.74 -48.53
CA GLU C 238 4.06 5.69 -49.58
C GLU C 238 3.82 7.13 -49.08
N GLN C 239 4.92 7.85 -48.83
CA GLN C 239 4.93 9.27 -48.38
C GLN C 239 3.67 10.00 -48.85
N MET D 23 1.47 -8.61 -70.62
CA MET D 23 1.54 -8.75 -69.14
C MET D 23 2.95 -9.27 -68.77
N SER D 24 3.17 -9.71 -67.53
CA SER D 24 4.46 -10.32 -67.10
C SER D 24 4.28 -11.82 -66.78
N ILE D 25 3.10 -12.36 -67.11
CA ILE D 25 2.63 -13.73 -66.79
C ILE D 25 2.57 -14.55 -68.09
N SER D 26 2.84 -15.85 -68.03
CA SER D 26 2.62 -16.77 -69.16
C SER D 26 1.13 -16.83 -69.53
N ASN D 27 0.81 -16.52 -70.78
CA ASN D 27 -0.56 -16.70 -71.28
C ASN D 27 -0.86 -18.19 -71.39
N PRO D 28 -2.15 -18.56 -71.35
CA PRO D 28 -2.54 -19.86 -71.87
C PRO D 28 -2.11 -19.92 -73.35
N ARG D 29 -1.63 -21.07 -73.80
CA ARG D 29 -1.29 -21.23 -75.23
C ARG D 29 -2.13 -22.40 -75.76
N ILE D 30 -3.00 -22.04 -76.71
CA ILE D 30 -4.04 -22.94 -77.23
C ILE D 30 -4.00 -22.86 -78.76
N PRO D 31 -4.18 -24.01 -79.45
CA PRO D 31 -4.18 -23.99 -80.94
C PRO D 31 -5.44 -23.31 -81.50
N ALA D 32 -5.37 -22.84 -82.75
CA ALA D 32 -6.52 -22.18 -83.42
C ALA D 32 -7.48 -23.22 -84.02
N ASP D 33 -7.41 -24.48 -83.56
CA ASP D 33 -8.16 -25.60 -84.12
C ASP D 33 -8.96 -26.32 -83.05
N LEU D 34 -10.07 -25.75 -82.60
CA LEU D 34 -10.80 -26.31 -81.43
C LEU D 34 -12.09 -26.99 -81.91
N ILE D 35 -12.49 -28.04 -81.23
CA ILE D 35 -13.66 -28.82 -81.66
C ILE D 35 -14.92 -28.32 -80.91
N MET D 36 -15.57 -27.29 -81.45
CA MET D 36 -16.78 -26.68 -80.84
C MET D 36 -17.75 -27.79 -80.38
N VAL D 37 -18.08 -27.83 -79.10
CA VAL D 37 -18.89 -28.91 -78.48
C VAL D 37 -20.36 -28.46 -78.36
N ASP D 38 -21.27 -29.44 -78.28
CA ASP D 38 -22.71 -29.19 -78.38
C ASP D 38 -23.43 -29.39 -77.06
N ASP D 39 -23.19 -30.51 -76.41
CA ASP D 39 -23.77 -30.77 -75.10
C ASP D 39 -22.65 -31.21 -74.17
N PHE D 40 -22.40 -30.40 -73.15
CA PHE D 40 -21.24 -30.59 -72.32
C PHE D 40 -21.62 -31.52 -71.17
N SER D 41 -22.86 -31.47 -70.68
CA SER D 41 -23.26 -32.45 -69.66
C SER D 41 -23.11 -33.89 -70.22
N SER D 42 -23.23 -34.05 -71.56
CA SER D 42 -22.98 -35.34 -72.26
C SER D 42 -21.48 -35.61 -72.36
N TYR D 43 -20.81 -34.85 -73.26
CA TYR D 43 -19.37 -35.00 -73.58
C TYR D 43 -18.56 -35.40 -72.33
N ALA D 44 -18.69 -34.62 -71.28
CA ALA D 44 -17.86 -34.78 -70.10
C ALA D 44 -18.30 -35.99 -69.25
N GLN D 45 -19.51 -36.49 -69.47
CA GLN D 45 -19.98 -37.69 -68.77
C GLN D 45 -19.12 -38.89 -69.18
N GLY D 46 -18.84 -39.00 -70.49
CA GLY D 46 -18.05 -40.10 -71.04
C GLY D 46 -16.66 -40.13 -70.45
N TYR D 47 -16.00 -38.98 -70.51
CA TYR D 47 -14.61 -38.86 -70.09
C TYR D 47 -14.47 -39.00 -68.56
N LEU D 48 -15.48 -38.58 -67.78
CA LEU D 48 -15.51 -38.75 -66.28
C LEU D 48 -15.51 -40.23 -65.91
N TYR D 49 -16.18 -41.05 -66.72
CA TYR D 49 -16.34 -42.49 -66.47
C TYR D 49 -15.01 -43.20 -66.76
N GLU D 50 -14.54 -43.04 -67.99
CA GLU D 50 -13.30 -43.68 -68.46
C GLU D 50 -12.09 -42.96 -67.85
N GLU D 51 -12.31 -41.96 -67.03
CA GLU D 51 -11.21 -41.21 -66.37
C GLU D 51 -10.16 -40.77 -67.38
N ILE D 52 -10.49 -39.91 -68.33
CA ILE D 52 -9.44 -39.44 -69.28
C ILE D 52 -9.60 -37.93 -69.54
N PRO D 53 -8.51 -37.21 -69.75
CA PRO D 53 -8.41 -35.80 -70.11
C PRO D 53 -9.39 -35.27 -71.17
N ILE D 54 -10.23 -34.29 -70.80
CA ILE D 54 -10.91 -33.38 -71.79
C ILE D 54 -9.86 -32.42 -72.36
N THR D 55 -9.89 -32.20 -73.67
CA THR D 55 -8.79 -31.54 -74.35
C THR D 55 -9.31 -30.79 -75.58
N GLN D 56 -8.66 -29.69 -75.92
CA GLN D 56 -8.70 -29.18 -77.30
C GLN D 56 -10.09 -28.65 -77.70
N ILE D 57 -11.01 -28.39 -76.75
CA ILE D 57 -12.41 -28.07 -77.12
C ILE D 57 -12.68 -26.56 -77.09
N LYS D 58 -13.96 -26.22 -77.17
CA LYS D 58 -14.48 -24.85 -77.02
C LYS D 58 -15.98 -24.91 -76.71
N ILE D 59 -16.36 -24.55 -75.50
CA ILE D 59 -17.76 -24.54 -75.15
C ILE D 59 -18.35 -23.17 -75.51
N TYR D 60 -19.68 -23.09 -75.58
CA TYR D 60 -20.42 -21.84 -75.85
C TYR D 60 -21.87 -21.94 -75.34
N GLY D 61 -22.36 -20.83 -74.82
CA GLY D 61 -23.76 -20.61 -74.51
C GLY D 61 -24.38 -21.62 -73.55
N GLU D 62 -23.64 -22.45 -72.83
CA GLU D 62 -24.31 -23.53 -72.06
C GLU D 62 -24.94 -22.95 -70.77
N HIS D 63 -25.85 -23.72 -70.16
CA HIS D 63 -26.51 -23.27 -68.94
C HIS D 63 -26.79 -24.49 -68.05
N ILE D 64 -25.86 -24.83 -67.18
CA ILE D 64 -25.97 -26.02 -66.34
C ILE D 64 -26.24 -25.57 -64.90
N GLU D 65 -26.98 -26.36 -64.12
CA GLU D 65 -27.24 -26.08 -62.69
C GLU D 65 -27.14 -27.37 -61.88
N TYR D 66 -26.55 -27.28 -60.71
CA TYR D 66 -26.47 -28.39 -59.77
C TYR D 66 -25.88 -29.66 -60.40
N PHE D 67 -25.15 -29.58 -61.51
CA PHE D 67 -24.50 -30.78 -62.06
C PHE D 67 -23.24 -31.10 -61.24
N ASP D 68 -22.64 -32.26 -61.50
CA ASP D 68 -21.43 -32.71 -60.82
C ASP D 68 -20.30 -32.98 -61.87
N PHE D 69 -19.14 -32.35 -61.67
CA PHE D 69 -17.95 -32.59 -62.49
C PHE D 69 -16.74 -32.77 -61.56
N SER D 70 -16.94 -33.36 -60.37
CA SER D 70 -15.84 -33.73 -59.44
C SER D 70 -14.74 -34.47 -60.21
N LYS D 71 -13.51 -34.11 -59.89
CA LYS D 71 -12.30 -34.79 -60.37
C LYS D 71 -12.22 -34.72 -61.89
N SER D 72 -12.82 -33.71 -62.53
CA SER D 72 -12.64 -33.52 -63.99
C SER D 72 -11.16 -33.23 -64.27
N GLU D 73 -10.79 -33.13 -65.52
CA GLU D 73 -9.40 -32.88 -65.88
C GLU D 73 -9.42 -32.21 -67.26
N ILE D 74 -9.42 -30.88 -67.31
CA ILE D 74 -9.58 -30.13 -68.60
C ILE D 74 -8.23 -29.51 -68.97
N ASN D 75 -8.00 -29.30 -70.28
CA ASN D 75 -6.93 -28.37 -70.69
C ASN D 75 -7.02 -28.00 -72.19
N THR D 76 -6.23 -27.00 -72.55
CA THR D 76 -6.14 -26.43 -73.90
C THR D 76 -7.54 -26.15 -74.46
N SER D 77 -8.43 -25.64 -73.59
CA SER D 77 -9.84 -25.37 -73.93
C SER D 77 -10.19 -23.89 -73.71
N ILE D 78 -11.42 -23.53 -74.10
CA ILE D 78 -12.02 -22.21 -73.87
C ILE D 78 -13.46 -22.38 -73.38
N PHE D 79 -13.95 -21.47 -72.54
CA PHE D 79 -15.38 -21.39 -72.21
C PHE D 79 -15.87 -19.96 -72.49
N GLU D 80 -16.90 -19.80 -73.32
CA GLU D 80 -17.43 -18.48 -73.67
C GLU D 80 -18.94 -18.47 -73.32
N ASN D 81 -19.37 -17.44 -72.59
CA ASN D 81 -20.78 -17.16 -72.30
C ASN D 81 -21.48 -18.37 -71.68
N CYS D 82 -20.77 -19.19 -70.92
CA CYS D 82 -21.41 -20.35 -70.29
C CYS D 82 -21.81 -20.02 -68.86
N THR D 83 -22.81 -20.71 -68.32
CA THR D 83 -23.33 -20.40 -67.00
C THR D 83 -23.42 -21.69 -66.19
N PHE D 84 -22.55 -21.84 -65.20
CA PHE D 84 -22.54 -23.00 -64.30
C PHE D 84 -22.96 -22.57 -62.88
N LEU D 85 -24.19 -22.85 -62.48
CA LEU D 85 -24.60 -22.49 -61.12
C LEU D 85 -24.49 -23.72 -60.22
N ASP D 86 -24.26 -23.47 -58.94
CA ASP D 86 -24.13 -24.48 -57.89
C ASP D 86 -23.58 -25.84 -58.34
N CYS D 87 -22.62 -25.85 -59.26
CA CYS D 87 -22.02 -27.09 -59.75
C CYS D 87 -20.96 -27.59 -58.77
N SER D 88 -20.25 -28.65 -59.15
CA SER D 88 -19.11 -29.14 -58.38
C SER D 88 -17.95 -29.45 -59.33
N PHE D 89 -16.80 -28.84 -59.05
CA PHE D 89 -15.54 -29.17 -59.68
C PHE D 89 -14.53 -29.59 -58.60
N GLU D 90 -15.03 -30.08 -57.47
CA GLU D 90 -14.17 -30.49 -56.36
C GLU D 90 -13.06 -31.40 -56.90
N GLY D 91 -11.81 -31.03 -56.67
CA GLY D 91 -10.67 -31.85 -57.08
C GLY D 91 -10.33 -31.73 -58.56
N ALA D 92 -10.93 -30.79 -59.29
CA ALA D 92 -10.73 -30.69 -60.77
C ALA D 92 -9.36 -30.12 -61.15
N SER D 93 -9.07 -29.97 -62.45
CA SER D 93 -7.77 -29.44 -62.89
C SER D 93 -7.86 -28.78 -64.28
N PHE D 94 -7.49 -27.51 -64.35
CA PHE D 94 -7.58 -26.73 -65.56
C PHE D 94 -6.18 -26.20 -65.89
N VAL D 95 -5.75 -26.37 -67.15
CA VAL D 95 -4.42 -25.96 -67.61
C VAL D 95 -4.57 -25.38 -69.03
N ASP D 96 -3.89 -24.28 -69.33
CA ASP D 96 -4.14 -23.53 -70.57
C ASP D 96 -5.65 -23.30 -70.94
N VAL D 97 -6.47 -22.99 -69.93
CA VAL D 97 -7.90 -22.74 -70.10
C VAL D 97 -8.19 -21.23 -70.00
N VAL D 98 -9.06 -20.72 -70.89
CA VAL D 98 -9.65 -19.39 -70.78
C VAL D 98 -11.12 -19.50 -70.32
N PHE D 99 -11.55 -18.63 -69.41
CA PHE D 99 -12.98 -18.39 -69.14
C PHE D 99 -13.34 -16.94 -69.53
N GLN D 100 -14.32 -16.78 -70.44
CA GLN D 100 -14.69 -15.45 -70.98
C GLN D 100 -16.20 -15.24 -70.81
N ASN D 101 -16.62 -14.15 -70.19
CA ASN D 101 -18.03 -13.81 -69.99
C ASN D 101 -18.81 -14.96 -69.34
N CYS D 102 -18.16 -15.77 -68.49
CA CYS D 102 -18.84 -16.91 -67.83
C CYS D 102 -19.40 -16.49 -66.47
N ASN D 103 -20.37 -17.23 -65.97
CA ASN D 103 -20.92 -17.02 -64.63
C ASN D 103 -20.83 -18.34 -63.87
N LEU D 104 -20.01 -18.39 -62.81
CA LEU D 104 -19.72 -19.67 -62.11
C LEU D 104 -20.32 -19.63 -60.69
N SER D 105 -21.28 -18.75 -60.48
CA SER D 105 -21.60 -18.32 -59.12
C SER D 105 -22.09 -19.51 -58.28
N ASN D 106 -21.45 -19.71 -57.14
CA ASN D 106 -21.75 -20.75 -56.11
C ASN D 106 -21.20 -22.12 -56.50
N SER D 107 -20.66 -22.28 -57.71
CA SER D 107 -19.90 -23.50 -58.02
C SER D 107 -18.80 -23.70 -56.97
N ASN D 108 -18.49 -24.97 -56.67
CA ASN D 108 -17.53 -25.32 -55.61
C ASN D 108 -16.29 -25.95 -56.27
N PHE D 109 -15.15 -25.27 -56.18
CA PHE D 109 -13.88 -25.69 -56.81
C PHE D 109 -12.88 -26.17 -55.76
N THR D 110 -13.37 -26.58 -54.59
CA THR D 110 -12.46 -26.89 -53.51
C THR D 110 -11.45 -27.97 -53.95
N ASP D 111 -10.17 -27.71 -53.71
CA ASP D 111 -9.07 -28.63 -54.07
C ASP D 111 -8.65 -28.61 -55.53
N ALA D 112 -9.15 -27.66 -56.31
CA ALA D 112 -8.84 -27.64 -57.75
C ALA D 112 -7.44 -27.10 -58.01
N TYR D 113 -7.04 -27.04 -59.27
CA TYR D 113 -5.68 -26.65 -59.64
C TYR D 113 -5.77 -25.86 -60.96
N PHE D 114 -5.06 -24.73 -61.04
CA PHE D 114 -5.17 -23.85 -62.18
C PHE D 114 -3.77 -23.42 -62.60
N GLU D 115 -3.42 -23.64 -63.86
CA GLU D 115 -2.13 -23.31 -64.42
C GLU D 115 -2.33 -22.58 -65.75
N ARG D 116 -1.48 -21.62 -66.06
CA ARG D 116 -1.63 -20.76 -67.24
C ARG D 116 -3.11 -20.54 -67.60
N CYS D 117 -3.97 -20.19 -66.63
CA CYS D 117 -5.41 -19.85 -66.86
C CYS D 117 -5.60 -18.34 -67.04
N GLN D 118 -6.85 -17.95 -67.32
CA GLN D 118 -7.30 -16.55 -67.44
C GLN D 118 -8.79 -16.45 -67.10
N PHE D 119 -9.17 -15.54 -66.20
CA PHE D 119 -10.57 -15.17 -66.04
C PHE D 119 -10.78 -13.77 -66.62
N ILE D 120 -11.87 -13.57 -67.34
CA ILE D 120 -12.11 -12.32 -68.05
C ILE D 120 -13.62 -12.03 -68.07
N ALA D 121 -14.01 -10.93 -67.43
CA ALA D 121 -15.38 -10.49 -67.47
C ALA D 121 -16.31 -11.55 -66.86
N CYS D 122 -15.88 -12.21 -65.79
CA CYS D 122 -16.64 -13.31 -65.22
C CYS D 122 -17.39 -12.88 -63.95
N LYS D 123 -18.55 -13.47 -63.76
CA LYS D 123 -19.28 -13.34 -62.53
C LYS D 123 -19.02 -14.57 -61.67
N CYS D 124 -18.41 -14.38 -60.50
CA CYS D 124 -18.01 -15.51 -59.67
C CYS D 124 -18.43 -15.25 -58.22
N VAL D 125 -19.71 -15.01 -58.02
CA VAL D 125 -20.17 -14.65 -56.71
C VAL D 125 -20.28 -15.90 -55.84
N GLY D 126 -19.59 -15.86 -54.70
CA GLY D 126 -19.71 -16.91 -53.71
C GLY D 126 -19.16 -18.25 -54.19
N VAL D 127 -18.17 -18.26 -55.09
CA VAL D 127 -17.49 -19.52 -55.47
C VAL D 127 -16.58 -19.94 -54.31
N ASN D 128 -16.36 -21.25 -54.22
CA ASN D 128 -15.55 -21.85 -53.16
C ASN D 128 -14.18 -22.24 -53.75
N MET D 129 -13.13 -21.55 -53.32
CA MET D 129 -11.82 -21.71 -53.88
C MET D 129 -10.84 -22.17 -52.79
N ILE D 130 -11.39 -22.76 -51.71
CA ILE D 130 -10.60 -23.29 -50.59
C ILE D 130 -9.59 -24.36 -51.09
N ASP D 131 -8.40 -24.39 -50.49
CA ASP D 131 -7.36 -25.39 -50.79
C ASP D 131 -7.01 -25.48 -52.27
N THR D 132 -7.16 -24.40 -53.00
CA THR D 132 -6.83 -24.41 -54.42
C THR D 132 -5.34 -24.09 -54.62
N ILE D 133 -4.89 -24.23 -55.86
CA ILE D 133 -3.52 -23.94 -56.24
C ILE D 133 -3.60 -23.19 -57.57
N PHE D 134 -3.08 -21.97 -57.61
CA PHE D 134 -3.05 -21.19 -58.83
C PHE D 134 -1.59 -20.88 -59.19
N LYS D 135 -1.26 -20.98 -60.48
CA LYS D 135 0.07 -20.64 -60.99
C LYS D 135 -0.13 -19.92 -62.32
N GLN D 136 0.66 -18.88 -62.56
CA GLN D 136 0.63 -18.11 -63.82
C GLN D 136 -0.83 -17.87 -64.30
N THR D 137 -1.70 -17.38 -63.42
CA THR D 137 -3.11 -17.11 -63.75
C THR D 137 -3.36 -15.59 -63.70
N SER D 138 -4.32 -15.07 -64.47
CA SER D 138 -4.60 -13.62 -64.42
C SER D 138 -6.10 -13.35 -64.55
N MET D 139 -6.72 -12.89 -63.45
CA MET D 139 -8.13 -12.40 -63.44
C MET D 139 -8.23 -10.92 -63.91
N GLN D 140 -9.19 -10.58 -64.77
CA GLN D 140 -9.46 -9.15 -64.99
C GLN D 140 -10.95 -8.87 -65.22
N ARG D 141 -11.38 -7.71 -64.73
CA ARG D 141 -12.73 -7.17 -64.87
C ARG D 141 -13.77 -8.19 -64.42
N SER D 142 -13.59 -8.82 -63.28
CA SER D 142 -14.48 -9.89 -62.82
C SER D 142 -14.87 -9.65 -61.36
N ASN D 143 -15.91 -10.34 -60.90
CA ASN D 143 -16.57 -10.07 -59.61
C ASN D 143 -16.56 -11.35 -58.75
N PHE D 144 -15.76 -11.34 -57.69
CA PHE D 144 -15.53 -12.54 -56.83
C PHE D 144 -16.17 -12.37 -55.46
N GLN D 145 -17.07 -11.42 -55.35
CA GLN D 145 -17.66 -11.00 -54.09
C GLN D 145 -18.30 -12.19 -53.34
N TYR D 146 -18.06 -12.23 -52.02
CA TYR D 146 -18.61 -13.27 -51.12
C TYR D 146 -17.91 -14.63 -51.30
N SER D 147 -16.85 -14.73 -52.10
CA SER D 147 -16.13 -16.02 -52.30
C SER D 147 -15.24 -16.37 -51.10
N TYR D 148 -14.78 -17.63 -51.07
CA TYR D 148 -13.86 -18.15 -50.05
C TYR D 148 -12.57 -18.65 -50.74
N PHE D 149 -11.42 -18.16 -50.30
CA PHE D 149 -10.11 -18.48 -50.89
C PHE D 149 -9.14 -19.04 -49.82
N ASP D 150 -9.68 -19.48 -48.69
CA ASP D 150 -8.85 -19.88 -47.55
C ASP D 150 -7.91 -21.04 -47.87
N LYS D 151 -6.65 -20.87 -47.50
CA LYS D 151 -5.56 -21.84 -47.70
C LYS D 151 -5.24 -21.98 -49.19
N ALA D 152 -5.63 -21.03 -50.01
CA ALA D 152 -5.20 -21.08 -51.41
C ALA D 152 -3.67 -20.87 -51.50
N LYS D 153 -3.06 -21.34 -52.58
CA LYS D 153 -1.66 -21.02 -52.85
C LYS D 153 -1.57 -20.37 -54.22
N MET D 154 -1.17 -19.12 -54.27
CA MET D 154 -1.21 -18.43 -55.52
C MET D 154 0.19 -17.89 -55.83
N THR D 155 0.63 -18.12 -57.07
CA THR D 155 1.99 -17.79 -57.48
C THR D 155 1.96 -17.24 -58.91
N ASP D 156 2.66 -16.14 -59.13
CA ASP D 156 2.57 -15.37 -60.37
C ASP D 156 1.12 -15.01 -60.77
N ILE D 157 0.47 -14.19 -59.93
CA ILE D 157 -0.90 -13.70 -60.17
C ILE D 157 -0.91 -12.23 -60.61
N ALA D 158 -1.95 -11.87 -61.35
CA ALA D 158 -2.24 -10.48 -61.73
C ALA D 158 -3.76 -10.25 -61.68
N PHE D 159 -4.19 -9.30 -60.86
CA PHE D 159 -5.57 -8.83 -60.79
C PHE D 159 -5.64 -7.47 -61.50
N GLU D 160 -6.65 -7.25 -62.33
CA GLU D 160 -7.04 -5.91 -62.80
C GLU D 160 -8.55 -5.75 -62.63
N ASP D 161 -9.00 -4.67 -62.01
CA ASP D 161 -10.43 -4.37 -61.94
C ASP D 161 -11.20 -5.55 -61.33
N ILE D 162 -10.74 -6.00 -60.18
CA ILE D 162 -11.33 -7.15 -59.52
C ILE D 162 -12.07 -6.72 -58.26
N ASP D 163 -13.29 -7.21 -58.09
CA ASP D 163 -14.04 -6.95 -56.86
C ASP D 163 -13.86 -8.13 -55.93
N PHE D 164 -13.12 -7.88 -54.85
CA PHE D 164 -12.85 -8.88 -53.82
C PHE D 164 -13.58 -8.47 -52.53
N THR D 165 -14.68 -7.72 -52.64
CA THR D 165 -15.52 -7.35 -51.48
C THR D 165 -15.98 -8.62 -50.72
N GLU D 166 -15.71 -8.62 -49.42
CA GLU D 166 -16.25 -9.62 -48.50
C GLU D 166 -15.71 -11.02 -48.84
N VAL D 167 -14.50 -11.11 -49.39
CA VAL D 167 -13.84 -12.39 -49.63
C VAL D 167 -13.00 -12.79 -48.42
N SER D 168 -13.20 -14.03 -47.95
CA SER D 168 -12.34 -14.64 -46.93
C SER D 168 -11.11 -15.30 -47.59
N ILE D 169 -9.93 -14.98 -47.10
CA ILE D 169 -8.72 -15.55 -47.65
C ILE D 169 -7.69 -15.66 -46.50
N THR D 170 -8.05 -16.48 -45.51
CA THR D 170 -7.17 -16.78 -44.37
C THR D 170 -6.18 -17.91 -44.70
N GLU D 171 -5.03 -17.88 -44.03
CA GLU D 171 -4.03 -18.96 -44.04
C GLU D 171 -3.59 -19.26 -45.47
N ALA D 172 -3.56 -18.25 -46.31
CA ALA D 172 -3.23 -18.48 -47.70
C ALA D 172 -1.74 -18.18 -47.91
N LYS D 173 -1.21 -18.48 -49.10
CA LYS D 173 0.19 -18.34 -49.39
C LYS D 173 0.40 -17.74 -50.79
N LEU D 174 0.55 -16.43 -50.82
CA LEU D 174 0.73 -15.69 -52.05
C LEU D 174 2.23 -15.53 -52.35
N LYS D 175 2.60 -15.46 -53.61
CA LYS D 175 3.98 -15.22 -54.04
C LYS D 175 3.95 -14.60 -55.44
N ARG D 176 4.73 -13.56 -55.65
CA ARG D 176 4.71 -12.77 -56.89
C ARG D 176 3.27 -12.37 -57.30
N PHE D 177 2.47 -11.93 -56.33
CA PHE D 177 1.08 -11.45 -56.50
C PHE D 177 1.02 -9.92 -56.67
N LYS D 178 0.53 -9.44 -57.82
CA LYS D 178 0.34 -8.00 -58.15
C LYS D 178 -1.17 -7.72 -58.29
N ALA D 179 -1.62 -6.48 -58.08
CA ALA D 179 -3.05 -6.10 -58.27
C ALA D 179 -3.17 -4.61 -58.60
N LYS D 180 -4.06 -4.23 -59.51
CA LYS D 180 -4.33 -2.80 -59.67
C LYS D 180 -5.81 -2.58 -59.94
N ASN D 181 -6.26 -1.41 -59.51
CA ASN D 181 -7.61 -0.99 -59.60
C ASN D 181 -8.53 -2.09 -59.07
N SER D 182 -8.23 -2.68 -57.94
CA SER D 182 -9.10 -3.72 -57.42
C SER D 182 -9.55 -3.34 -56.01
N HIS D 183 -10.65 -3.94 -55.55
CA HIS D 183 -11.32 -3.55 -54.32
C HIS D 183 -11.15 -4.67 -53.28
N PHE D 184 -10.25 -4.43 -52.33
CA PHE D 184 -10.08 -5.30 -51.15
C PHE D 184 -10.86 -4.70 -49.97
N ILE D 185 -12.14 -5.06 -49.87
CA ILE D 185 -13.04 -4.42 -48.89
C ILE D 185 -13.60 -5.51 -47.97
N LYS D 186 -13.38 -5.39 -46.66
CA LYS D 186 -13.94 -6.32 -45.68
C LYS D 186 -13.43 -7.73 -45.94
N ASN D 187 -12.15 -7.83 -46.25
CA ASN D 187 -11.47 -9.09 -46.38
C ASN D 187 -11.07 -9.61 -44.99
N ASN D 188 -11.02 -10.92 -44.88
CA ASN D 188 -10.40 -11.60 -43.75
C ASN D 188 -9.04 -12.16 -44.15
N PHE D 189 -7.98 -11.55 -43.65
CA PHE D 189 -6.61 -11.88 -44.05
C PHE D 189 -5.86 -12.62 -42.92
N PHE D 190 -6.58 -13.11 -41.91
CA PHE D 190 -5.96 -13.83 -40.79
C PHE D 190 -4.92 -14.83 -41.30
N LYS D 191 -3.69 -14.72 -40.78
CA LYS D 191 -2.56 -15.65 -41.02
C LYS D 191 -2.12 -15.65 -42.50
N THR D 192 -2.51 -14.66 -43.30
CA THR D 192 -2.05 -14.62 -44.69
C THR D 192 -1.01 -13.50 -44.84
N MET D 193 0.25 -13.85 -45.04
CA MET D 193 1.30 -12.84 -45.01
C MET D 193 1.29 -12.04 -46.31
N LEU D 194 1.31 -10.71 -46.22
CA LEU D 194 1.19 -9.84 -47.40
C LEU D 194 2.49 -9.06 -47.66
N THR D 195 3.64 -9.51 -47.12
CA THR D 195 4.89 -8.80 -47.41
C THR D 195 5.05 -8.67 -48.91
N GLY D 196 5.48 -7.48 -49.32
CA GLY D 196 5.78 -7.27 -50.72
C GLY D 196 4.56 -6.89 -51.54
N VAL D 197 3.34 -7.08 -51.03
CA VAL D 197 2.14 -6.72 -51.79
C VAL D 197 1.94 -5.21 -51.73
N ASP D 198 1.78 -4.58 -52.90
CA ASP D 198 1.58 -3.14 -53.06
C ASP D 198 0.08 -2.82 -53.25
N PHE D 199 -0.54 -2.26 -52.21
CA PHE D 199 -1.95 -1.92 -52.22
C PHE D 199 -2.25 -0.48 -52.66
N THR D 200 -1.23 0.33 -52.95
CA THR D 200 -1.42 1.76 -53.19
C THR D 200 -2.30 2.04 -54.42
N LYS D 201 -2.38 1.17 -55.41
CA LYS D 201 -3.23 1.47 -56.56
C LYS D 201 -4.56 0.71 -56.47
N ASN D 202 -4.96 0.32 -55.28
CA ASN D 202 -6.17 -0.46 -55.06
C ASN D 202 -6.93 0.16 -53.91
N GLU D 203 -8.12 -0.32 -53.64
CA GLU D 203 -8.89 0.07 -52.47
C GLU D 203 -8.64 -0.97 -51.36
N LEU D 204 -8.21 -0.52 -50.19
CA LEU D 204 -8.04 -1.37 -49.01
C LEU D 204 -8.88 -0.81 -47.85
N VAL D 205 -9.86 -1.58 -47.39
CA VAL D 205 -10.86 -1.06 -46.48
C VAL D 205 -11.33 -2.16 -45.53
N ALA D 206 -11.19 -1.90 -44.24
CA ALA D 206 -11.77 -2.74 -43.17
C ALA D 206 -11.25 -4.19 -43.19
N PRO D 207 -9.95 -4.39 -43.32
CA PRO D 207 -9.45 -5.75 -43.18
C PRO D 207 -9.47 -6.28 -41.72
N THR D 208 -9.63 -7.60 -41.59
CA THR D 208 -9.47 -8.34 -40.36
C THR D 208 -8.07 -8.97 -40.34
N VAL D 209 -7.24 -8.59 -39.35
CA VAL D 209 -5.87 -9.08 -39.22
C VAL D 209 -5.62 -9.51 -37.77
N SER D 210 -4.39 -9.86 -37.41
CA SER D 210 -4.07 -10.33 -36.05
C SER D 210 -3.61 -9.15 -35.17
N SER D 211 -3.53 -9.40 -33.87
CA SER D 211 -2.96 -8.45 -32.95
C SER D 211 -1.73 -9.06 -32.26
N PRO D 212 -0.51 -8.59 -32.54
CA PRO D 212 -0.18 -7.55 -33.55
C PRO D 212 -0.44 -7.98 -35.01
N PRO D 213 -0.51 -6.99 -35.93
CA PRO D 213 -0.84 -7.21 -37.35
C PRO D 213 0.34 -7.69 -38.23
N ILE D 214 0.83 -8.92 -37.97
CA ILE D 214 2.01 -9.49 -38.68
C ILE D 214 1.75 -9.35 -40.18
N GLU D 215 0.54 -9.77 -40.57
CA GLU D 215 0.23 -10.02 -41.96
C GLU D 215 0.43 -8.76 -42.81
N PHE D 216 0.50 -7.57 -42.23
CA PHE D 216 0.77 -6.35 -43.01
C PHE D 216 2.25 -5.93 -42.97
N GLN D 217 3.11 -6.57 -42.20
CA GLN D 217 4.56 -6.22 -42.27
C GLN D 217 5.07 -6.40 -43.69
N GLY D 218 5.81 -5.42 -44.19
CA GLY D 218 6.40 -5.51 -45.53
C GLY D 218 5.46 -5.02 -46.61
N ALA D 219 4.15 -5.02 -46.32
CA ALA D 219 3.08 -4.52 -47.23
C ALA D 219 3.26 -3.02 -47.46
N LYS D 220 2.95 -2.55 -48.66
CA LYS D 220 3.01 -1.13 -48.93
C LYS D 220 1.59 -0.57 -49.08
N ILE D 221 1.27 0.54 -48.40
CA ILE D 221 -0.07 1.13 -48.44
C ILE D 221 0.04 2.66 -48.61
N SER D 222 -1.05 3.29 -49.04
CA SER D 222 -1.09 4.76 -49.24
C SER D 222 -1.33 5.47 -47.90
N MET D 223 -1.18 6.79 -47.94
CA MET D 223 -1.38 7.63 -46.77
C MET D 223 -2.85 7.54 -46.32
N VAL D 224 -3.78 7.66 -47.26
CA VAL D 224 -5.20 7.55 -46.96
C VAL D 224 -5.51 6.17 -46.37
N GLN D 225 -4.90 5.12 -46.90
CA GLN D 225 -5.19 3.76 -46.43
C GLN D 225 -4.72 3.62 -44.97
N ALA D 226 -3.63 4.31 -44.64
CA ALA D 226 -3.03 4.29 -43.28
C ALA D 226 -3.96 4.99 -42.29
N ALA D 227 -4.42 6.17 -42.68
CA ALA D 227 -5.38 6.91 -41.86
C ALA D 227 -6.66 6.09 -41.65
N ASP D 228 -7.12 5.38 -42.67
CA ASP D 228 -8.37 4.61 -42.56
C ASP D 228 -8.16 3.43 -41.62
N LEU D 229 -6.97 2.86 -41.61
CA LEU D 229 -6.65 1.73 -40.72
C LEU D 229 -6.59 2.18 -39.25
N ILE D 230 -5.87 3.27 -39.01
CA ILE D 230 -5.74 3.85 -37.68
C ILE D 230 -7.16 4.10 -37.14
N GLY D 231 -7.97 4.80 -37.95
CA GLY D 231 -9.38 5.07 -37.67
C GLY D 231 -10.19 3.83 -37.35
N LEU D 232 -9.92 2.76 -38.10
CA LEU D 232 -10.58 1.45 -37.92
C LEU D 232 -10.37 0.95 -36.48
N TRP D 233 -9.14 1.10 -35.96
CA TRP D 233 -8.76 0.51 -34.67
C TRP D 233 -9.04 1.47 -33.51
N GLY D 234 -9.79 2.57 -33.73
CA GLY D 234 -10.43 3.36 -32.64
C GLY D 234 -9.89 4.79 -32.50
N ILE D 235 -8.79 5.12 -33.18
CA ILE D 235 -8.15 6.43 -33.05
C ILE D 235 -8.76 7.45 -34.02
N ILE D 236 -8.85 8.69 -33.57
CA ILE D 236 -9.38 9.80 -34.37
C ILE D 236 -8.21 10.51 -35.07
N VAL D 237 -8.39 10.87 -36.35
CA VAL D 237 -7.29 11.46 -37.17
C VAL D 237 -7.74 12.76 -37.83
N GLU D 238 -6.90 13.77 -37.93
CA GLU D 238 -7.20 14.95 -38.77
C GLU D 238 -7.08 14.57 -40.26
C1 GOL E . 0.76 -3.86 33.47
O1 GOL E . 2.18 -3.67 33.43
C2 GOL E . 0.15 -4.76 32.38
O2 GOL E . 1.10 -5.75 31.90
C3 GOL E . -0.30 -3.82 31.24
O3 GOL E . -0.94 -4.50 30.15
C1 GOL F . 0.41 14.16 21.68
O1 GOL F . -0.07 15.24 22.52
C2 GOL F . 1.71 14.46 20.87
O2 GOL F . 2.20 15.83 20.94
C3 GOL F . 2.87 13.51 21.24
O3 GOL F . 3.92 13.53 20.25
C1 GOL G . -22.49 19.73 -12.95
O1 GOL G . -21.39 20.54 -12.52
C2 GOL G . -21.89 18.43 -13.44
O2 GOL G . -21.98 17.42 -12.42
C3 GOL G . -20.43 18.67 -13.79
O3 GOL G . -20.12 17.86 -14.92
C1 GOL H . -15.99 -4.98 11.46
O1 GOL H . -17.07 -4.10 11.12
C2 GOL H . -14.73 -4.16 11.78
O2 GOL H . -13.60 -4.98 12.12
C3 GOL H . -14.35 -3.33 10.56
O3 GOL H . -13.81 -4.24 9.59
C1 GOL I . -5.45 -7.39 20.65
O1 GOL I . -5.32 -6.66 19.42
C2 GOL I . -4.26 -7.10 21.59
O2 GOL I . -4.60 -6.21 22.66
C3 GOL I . -3.70 -8.35 22.26
O3 GOL I . -2.46 -8.62 21.61
C1 GOL J . -15.17 8.63 38.94
O1 GOL J . -14.77 10.01 39.10
C2 GOL J . -14.08 7.77 38.31
O2 GOL J . -13.13 7.37 39.30
C3 GOL J . -14.59 6.45 37.74
O3 GOL J . -13.91 5.35 38.35
C1 GOL K . -1.93 17.34 1.92
O1 GOL K . -3.06 18.24 1.89
C2 GOL K . -2.34 15.85 2.03
O2 GOL K . -2.73 15.22 0.78
C3 GOL K . -1.22 15.01 2.65
O3 GOL K . -1.25 13.67 2.12
C1 GOL L . -19.09 -0.61 -2.46
O1 GOL L . -20.20 -0.24 -1.64
C2 GOL L . -18.08 0.53 -2.42
O2 GOL L . -17.59 0.83 -3.74
C3 GOL L . -16.88 0.22 -1.52
O3 GOL L . -16.98 1.07 -0.37
C1 GOL M . 22.44 2.28 61.86
O1 GOL M . 23.46 2.11 60.85
C2 GOL M . 22.00 0.94 62.53
O2 GOL M . 20.77 1.08 63.28
C3 GOL M . 23.06 0.40 63.48
O3 GOL M . 22.44 0.00 64.71
C1 GOL N . 27.12 -0.14 65.02
O1 GOL N . 26.09 0.64 64.40
C2 GOL N . 26.60 -1.00 66.22
O2 GOL N . 25.22 -1.42 66.10
C3 GOL N . 27.57 -2.20 66.39
O3 GOL N . 28.51 -2.02 67.44
C1 GOL O . 1.11 -12.11 54.53
O1 GOL O . 1.24 -11.71 55.91
C2 GOL O . 1.66 -13.53 54.26
O2 GOL O . 2.80 -13.51 53.33
C3 GOL O . 0.54 -14.48 53.81
O3 GOL O . 1.05 -15.80 53.55
C1 GOL P . -6.82 16.49 -0.16
O1 GOL P . -7.65 17.42 -0.89
C2 GOL P . -7.17 14.98 -0.34
O2 GOL P . -7.87 14.63 -1.58
C3 GOL P . -5.86 14.17 -0.20
O3 GOL P . -6.00 12.78 -0.49
C1 GOL Q . 16.24 25.27 -18.38
O1 GOL Q . 16.30 25.27 -16.94
C2 GOL Q . 15.09 24.40 -18.86
O2 GOL Q . 14.20 25.24 -19.61
C3 GOL Q . 15.56 23.23 -19.74
O3 GOL Q . 16.56 22.41 -19.11
C1 GOL R . 8.40 25.35 14.53
O1 GOL R . 7.51 26.19 15.26
C2 GOL R . 9.32 24.65 15.51
O2 GOL R . 8.55 23.91 16.48
C3 GOL R . 10.23 23.67 14.80
O3 GOL R . 10.88 24.35 13.73
C1 GOL S . 5.84 -10.06 -54.23
O1 GOL S . 4.92 -9.13 -54.79
C2 GOL S . 5.16 -10.74 -53.04
O2 GOL S . 3.76 -11.15 -53.28
C3 GOL S . 6.08 -11.89 -52.60
O3 GOL S . 5.54 -12.68 -51.53
#